data_4CMH
#
_entry.id   4CMH
#
_cell.length_a   43.619
_cell.length_b   111.492
_cell.length_c   147.877
_cell.angle_alpha   90.00
_cell.angle_beta   90.00
_cell.angle_gamma   90.00
#
_symmetry.space_group_name_H-M   'P 21 21 21'
#
loop_
_entity.id
_entity.type
_entity.pdbx_description
1 polymer 'ADP-RIBOSYL CYCLASE 1'
2 polymer 'HEAVY CHAIN OF SAR650984-FAB FRAGMENT'
3 polymer 'LIGHT CHAIN OF SAR650984-FAB FRAGMENT'
4 water water
#
loop_
_entity_poly.entity_id
_entity_poly.type
_entity_poly.pdbx_seq_one_letter_code
_entity_poly.pdbx_strand_id
1 'polypeptide(L)'
;RWRQQWSGPGTTKRFPETVLARCVKYTEIHPEMRHVDCQSVWDAFKGAFISKHPCDITEEDYQPLMKLGTQTVPCNKILL
WSRIKDLAHQFTQVQRDMFTLEDTLLGYLADDLTWCGEFATSKINYQSCPDWRKDCSNNPVSVFWKTVSRRFAEAACDVV
HVMLDGSRSKIFDKDSTFGSVEVHNLQPEKVQTLEAWVIHGGREDSRDLCQDPTIKELESIISKRNIQFSCKNIYRPDKF
LQCVKNPEDSSCTSEI
;
A
2 'polypeptide(L)'
;QVQLVQSGAEVAKPGTSVKLSCKASGYTFTDYWMQWVKQRPGQGLEWIGTIYPGDGDTGYAQKFQGKATLTADKSSKTVY
MHLSSLASEDSAVYYCARGDYYGSNSLDYWGQGTSVTVSSASTKGPSVFPLAPSSKSTSGGTAALGCLVKDYFPEPVTVS
WNSGALTSGVHTFPAVLQSSGLYSLSSVVTVPSSSLGTQTYICNVNHKPSNTKVDKKVEPKSCDKTHTHHHHHH
;
B
3 'polypeptide(L)'
;DIVMTQSHLSMSTSLGDPVSITCKASQDVSTVVAWYQQKPGQSPRRLIYSASYRYIGVPDRFTGSGAGTDFTFTISSVQA
EDLAVYYCQQHYSPPYTFGGGTKLEIKRTVAAPSVFIFPPSDEQLKSGTASVVCLLNNFYPREAKVQWKVDNALQSGNSQ
ESVTEQDSKDSTYSLSSTLTLSKADYEKHKVYACEVTHQGLSSPVTKSFNRGEC
;
C
#
# COMPACT_ATOMS: atom_id res chain seq x y z
N GLN A 4 5.76 35.62 -34.18
CA GLN A 4 6.23 34.78 -35.28
C GLN A 4 7.75 34.59 -35.23
N GLN A 5 8.51 35.71 -35.13
CA GLN A 5 9.97 35.69 -35.04
C GLN A 5 10.33 35.78 -33.55
N TRP A 6 11.32 34.99 -33.12
CA TRP A 6 11.73 34.98 -31.71
C TRP A 6 13.20 35.36 -31.54
N SER A 7 13.56 35.78 -30.31
CA SER A 7 14.92 36.21 -29.97
C SER A 7 15.91 35.09 -29.69
N GLY A 8 15.42 33.90 -29.36
CA GLY A 8 16.29 32.77 -29.05
C GLY A 8 16.58 31.82 -30.19
N PRO A 9 17.63 30.97 -30.08
CA PRO A 9 17.91 30.02 -31.17
C PRO A 9 16.76 29.04 -31.40
N GLY A 10 16.63 28.60 -32.64
CA GLY A 10 15.59 27.67 -33.04
C GLY A 10 15.80 26.27 -32.53
N THR A 11 14.85 25.39 -32.83
CA THR A 11 14.93 23.99 -32.44
C THR A 11 16.26 23.37 -32.89
N THR A 12 16.91 22.56 -32.03
CA THR A 12 18.16 21.87 -32.36
C THR A 12 17.95 21.05 -33.64
N LYS A 13 18.97 21.07 -34.54
CA LYS A 13 18.93 20.33 -35.80
C LYS A 13 18.83 18.84 -35.53
N ARG A 14 17.87 18.19 -36.21
CA ARG A 14 17.59 16.75 -36.11
C ARG A 14 17.11 16.35 -34.69
N PHE A 15 16.45 17.30 -34.02
CA PHE A 15 15.86 17.13 -32.68
C PHE A 15 15.02 15.82 -32.61
N PRO A 16 14.06 15.53 -33.55
CA PRO A 16 13.29 14.27 -33.45
C PRO A 16 14.12 12.99 -33.35
N GLU A 17 15.12 12.83 -34.24
CA GLU A 17 16.01 11.67 -34.23
C GLU A 17 16.82 11.61 -32.95
N THR A 18 17.26 12.77 -32.44
CA THR A 18 18.06 12.87 -31.21
C THR A 18 17.26 12.37 -30.01
N VAL A 19 16.01 12.86 -29.86
CA VAL A 19 15.13 12.47 -28.74
C VAL A 19 14.88 10.98 -28.77
N LEU A 20 14.50 10.43 -29.95
CA LEU A 20 14.27 9.01 -30.09
C LEU A 20 15.52 8.16 -29.83
N ALA A 21 16.69 8.53 -30.40
CA ALA A 21 17.92 7.75 -30.18
C ALA A 21 18.30 7.73 -28.70
N ARG A 22 18.13 8.88 -28.02
CA ARG A 22 18.45 9.02 -26.59
C ARG A 22 17.57 8.10 -25.77
N CYS A 23 16.27 8.02 -26.12
CA CYS A 23 15.36 7.13 -25.42
C CYS A 23 15.80 5.69 -25.61
N VAL A 24 16.12 5.30 -26.86
CA VAL A 24 16.54 3.95 -27.20
C VAL A 24 17.85 3.59 -26.45
N LYS A 25 18.82 4.52 -26.42
CA LYS A 25 20.11 4.34 -25.76
C LYS A 25 19.89 4.20 -24.24
N TYR A 26 19.04 5.08 -23.66
CA TYR A 26 18.83 5.05 -22.22
C TYR A 26 18.19 3.75 -21.78
N THR A 27 17.23 3.22 -22.56
CA THR A 27 16.55 1.97 -22.19
C THR A 27 17.42 0.73 -22.49
N GLU A 28 18.50 0.91 -23.29
CA GLU A 28 19.48 -0.14 -23.61
C GLU A 28 20.47 -0.27 -22.45
N ILE A 29 20.96 0.87 -21.92
CA ILE A 29 21.91 0.97 -20.81
C ILE A 29 21.23 0.48 -19.51
N HIS A 30 19.93 0.81 -19.34
CA HIS A 30 19.15 0.44 -18.16
C HIS A 30 18.11 -0.65 -18.50
N PRO A 31 18.47 -1.97 -18.38
CA PRO A 31 17.53 -3.04 -18.74
C PRO A 31 16.21 -3.09 -17.98
N GLU A 32 16.19 -2.50 -16.77
CA GLU A 32 14.98 -2.43 -15.95
C GLU A 32 13.96 -1.47 -16.61
N MET A 33 14.40 -0.77 -17.71
CA MET A 33 13.60 0.21 -18.46
CA MET A 33 13.53 0.16 -18.44
C MET A 33 13.20 -0.29 -19.85
N ARG A 34 13.50 -1.55 -20.19
CA ARG A 34 13.17 -2.09 -21.50
C ARG A 34 11.64 -2.17 -21.73
N HIS A 35 10.81 -2.01 -20.67
CA HIS A 35 9.36 -1.98 -20.85
C HIS A 35 8.89 -0.64 -21.48
N VAL A 36 9.77 0.41 -21.48
CA VAL A 36 9.47 1.74 -22.05
C VAL A 36 9.27 1.70 -23.57
N ASP A 37 8.16 2.26 -24.02
CA ASP A 37 7.86 2.35 -25.45
C ASP A 37 8.41 3.70 -25.95
N CYS A 38 9.54 3.68 -26.67
CA CYS A 38 10.18 4.93 -27.05
C CYS A 38 9.43 5.71 -28.13
N GLN A 39 8.59 5.03 -28.93
CA GLN A 39 7.74 5.71 -29.88
C GLN A 39 6.73 6.53 -29.12
N SER A 40 6.12 5.96 -28.05
CA SER A 40 5.15 6.66 -27.21
C SER A 40 5.83 7.85 -26.53
N VAL A 41 7.11 7.71 -26.15
CA VAL A 41 7.81 8.82 -25.47
C VAL A 41 7.94 10.00 -26.43
N TRP A 42 8.44 9.74 -27.66
CA TRP A 42 8.61 10.79 -28.65
C TRP A 42 7.26 11.42 -29.00
N ASP A 43 6.22 10.60 -29.24
CA ASP A 43 4.86 11.09 -29.52
C ASP A 43 4.34 12.02 -28.43
N ALA A 44 4.61 11.70 -27.14
CA ALA A 44 4.12 12.55 -26.06
C ALA A 44 4.92 13.85 -25.97
N PHE A 45 6.21 13.78 -26.23
CA PHE A 45 7.08 14.96 -26.20
C PHE A 45 6.64 15.91 -27.32
N LYS A 46 6.59 15.37 -28.54
CA LYS A 46 6.14 16.09 -29.73
C LYS A 46 4.76 16.72 -29.50
N GLY A 47 3.79 15.94 -28.98
CA GLY A 47 2.45 16.41 -28.71
C GLY A 47 2.33 17.56 -27.72
N ALA A 48 3.36 17.73 -26.85
CA ALA A 48 3.32 18.80 -25.86
C ALA A 48 3.40 20.16 -26.48
N PHE A 49 4.17 20.31 -27.57
CA PHE A 49 4.43 21.64 -28.13
C PHE A 49 4.01 21.85 -29.59
N ILE A 50 3.88 20.77 -30.41
CA ILE A 50 3.47 20.89 -31.85
C ILE A 50 2.07 21.51 -31.96
N SER A 51 1.87 22.41 -32.96
CA SER A 51 0.59 23.09 -33.22
C SER A 51 0.13 23.99 -32.06
N LYS A 52 1.09 24.42 -31.22
CA LYS A 52 0.77 25.27 -30.10
C LYS A 52 1.58 26.55 -30.15
N HIS A 53 0.98 27.65 -29.68
CA HIS A 53 1.66 28.95 -29.61
C HIS A 53 2.76 28.81 -28.55
N PRO A 54 4.04 29.03 -28.90
CA PRO A 54 5.12 28.77 -27.94
C PRO A 54 5.26 29.74 -26.76
N CYS A 55 4.21 30.54 -26.44
CA CYS A 55 4.17 31.41 -25.27
C CYS A 55 2.93 31.07 -24.42
N ASP A 56 2.17 30.05 -24.89
CA ASP A 56 0.93 29.59 -24.25
C ASP A 56 1.08 28.16 -23.66
N ILE A 57 2.32 27.64 -23.58
CA ILE A 57 2.60 26.29 -23.06
C ILE A 57 2.38 26.21 -21.55
N THR A 58 1.70 25.13 -21.09
CA THR A 58 1.43 24.95 -19.66
C THR A 58 1.93 23.57 -19.22
N GLU A 59 1.98 23.36 -17.90
CA GLU A 59 2.34 22.05 -17.32
C GLU A 59 1.44 20.92 -17.86
N GLU A 60 0.15 21.21 -18.09
CA GLU A 60 -0.82 20.23 -18.61
C GLU A 60 -0.39 19.66 -19.96
N ASP A 61 0.25 20.49 -20.84
CA ASP A 61 0.77 20.03 -22.13
C ASP A 61 1.80 18.92 -22.04
N TYR A 62 2.59 18.90 -20.93
CA TYR A 62 3.65 17.91 -20.75
C TYR A 62 3.21 16.66 -19.97
N GLN A 63 2.01 16.67 -19.41
CA GLN A 63 1.54 15.53 -18.58
C GLN A 63 1.52 14.19 -19.34
N PRO A 64 1.17 14.13 -20.66
CA PRO A 64 1.28 12.85 -21.38
C PRO A 64 2.71 12.30 -21.44
N LEU A 65 3.75 13.19 -21.35
CA LEU A 65 5.13 12.75 -21.33
C LEU A 65 5.59 12.44 -19.89
N MET A 66 5.17 13.29 -18.93
CA MET A 66 5.52 13.19 -17.50
CA MET A 66 5.61 13.12 -17.55
C MET A 66 5.15 11.81 -16.91
N LYS A 67 4.07 11.19 -17.41
CA LYS A 67 3.62 9.93 -16.86
C LYS A 67 4.50 8.76 -17.24
N LEU A 68 5.32 8.95 -18.28
CA LEU A 68 6.18 7.88 -18.81
C LEU A 68 7.56 7.92 -18.14
N GLY A 69 8.24 6.79 -18.22
CA GLY A 69 9.62 6.71 -17.75
C GLY A 69 9.84 6.52 -16.26
N THR A 70 8.85 5.94 -15.52
CA THR A 70 9.05 5.66 -14.13
CA THR A 70 9.08 5.67 -14.10
C THR A 70 10.35 4.85 -13.97
N GLN A 71 11.10 5.13 -12.93
CA GLN A 71 12.39 4.46 -12.72
C GLN A 71 12.80 4.56 -11.27
N THR A 72 13.93 3.93 -10.89
CA THR A 72 14.35 4.00 -9.51
C THR A 72 15.54 4.91 -9.30
N VAL A 73 15.31 5.97 -8.56
CA VAL A 73 16.35 6.94 -8.17
C VAL A 73 16.27 7.06 -6.66
N PRO A 74 17.24 6.48 -5.89
CA PRO A 74 17.17 6.59 -4.42
C PRO A 74 17.12 8.04 -3.96
N CYS A 75 16.19 8.37 -3.06
CA CYS A 75 15.91 9.73 -2.62
C CYS A 75 17.15 10.46 -2.08
N ASN A 76 18.07 9.70 -1.48
CA ASN A 76 19.27 10.27 -0.86
C ASN A 76 20.43 10.42 -1.88
N LYS A 77 20.22 10.04 -3.15
CA LYS A 77 21.26 10.07 -4.17
C LYS A 77 21.01 11.16 -5.21
N ILE A 78 20.15 12.12 -4.92
CA ILE A 78 19.84 13.19 -5.87
C ILE A 78 20.85 14.32 -5.75
N LEU A 79 21.27 14.88 -6.90
CA LEU A 79 22.15 16.02 -6.90
C LEU A 79 21.48 17.12 -7.67
N LEU A 80 21.16 18.21 -6.98
CA LEU A 80 20.56 19.38 -7.62
C LEU A 80 21.70 20.33 -8.01
N TRP A 81 21.46 21.24 -8.97
CA TRP A 81 22.54 22.15 -9.38
C TRP A 81 21.96 23.39 -9.98
N SER A 82 22.74 24.48 -9.98
CA SER A 82 22.26 25.72 -10.56
C SER A 82 23.44 26.44 -11.21
N ARG A 83 23.34 26.71 -12.54
CA ARG A 83 24.32 27.44 -13.37
C ARG A 83 25.72 26.80 -13.47
N ILE A 84 25.88 25.56 -13.02
CA ILE A 84 27.16 24.86 -13.02
C ILE A 84 26.99 23.41 -13.58
N LYS A 85 26.33 23.33 -14.75
CA LYS A 85 26.00 22.08 -15.46
C LYS A 85 27.17 21.13 -15.69
N ASP A 86 28.30 21.61 -16.27
CA ASP A 86 29.44 20.74 -16.56
C ASP A 86 29.99 19.98 -15.33
N LEU A 87 30.28 20.68 -14.20
CA LEU A 87 30.82 20.00 -13.02
C LEU A 87 29.83 19.01 -12.40
N ALA A 88 28.53 19.37 -12.34
CA ALA A 88 27.50 18.48 -11.79
C ALA A 88 27.45 17.13 -12.54
N HIS A 89 27.49 17.16 -13.90
CA HIS A 89 27.43 15.94 -14.71
C HIS A 89 28.72 15.12 -14.67
N GLN A 90 29.89 15.77 -14.50
CA GLN A 90 31.17 15.05 -14.38
C GLN A 90 31.22 14.29 -13.07
N PHE A 91 30.65 14.90 -12.02
CA PHE A 91 30.55 14.33 -10.68
C PHE A 91 29.73 13.05 -10.71
N THR A 92 28.54 13.06 -11.38
CA THR A 92 27.71 11.85 -11.41
C THR A 92 28.28 10.80 -12.36
N GLN A 93 29.10 11.21 -13.36
CA GLN A 93 29.80 10.28 -14.25
C GLN A 93 30.84 9.47 -13.43
N VAL A 94 31.35 10.08 -12.33
CA VAL A 94 32.32 9.48 -11.40
C VAL A 94 31.60 8.70 -10.29
N GLN A 95 30.65 9.35 -9.59
CA GLN A 95 29.83 8.71 -8.55
C GLN A 95 28.52 8.25 -9.19
N ARG A 96 28.59 7.09 -9.87
CA ARG A 96 27.51 6.45 -10.64
C ARG A 96 26.21 6.18 -9.87
N ASP A 97 26.25 6.15 -8.53
CA ASP A 97 25.05 5.93 -7.71
C ASP A 97 24.19 7.19 -7.60
N MET A 98 24.81 8.38 -7.81
CA MET A 98 24.13 9.68 -7.71
C MET A 98 23.54 10.14 -9.05
N PHE A 99 22.43 10.89 -8.97
CA PHE A 99 21.74 11.37 -10.16
C PHE A 99 21.45 12.83 -10.17
N THR A 100 21.77 13.50 -11.29
CA THR A 100 21.22 14.82 -11.52
C THR A 100 19.92 14.51 -12.31
N LEU A 101 19.11 15.54 -12.53
CA LEU A 101 17.88 15.38 -13.32
C LEU A 101 18.21 14.88 -14.73
N GLU A 102 19.37 15.30 -15.28
CA GLU A 102 19.73 14.93 -16.65
C GLU A 102 20.27 13.50 -16.76
N ASP A 103 20.42 12.80 -15.60
CA ASP A 103 20.80 11.39 -15.54
C ASP A 103 19.52 10.53 -15.50
N THR A 104 18.31 11.16 -15.32
CA THR A 104 17.05 10.39 -15.36
C THR A 104 16.59 10.34 -16.82
N LEU A 105 15.64 9.44 -17.17
CA LEU A 105 15.18 9.39 -18.55
C LEU A 105 14.68 10.72 -19.07
N LEU A 106 13.69 11.33 -18.39
CA LEU A 106 13.14 12.57 -18.96
C LEU A 106 14.17 13.67 -19.12
N GLY A 107 15.07 13.81 -18.15
CA GLY A 107 16.11 14.84 -18.22
C GLY A 107 17.12 14.56 -19.31
N TYR A 108 17.48 13.28 -19.48
CA TYR A 108 18.44 12.80 -20.47
C TYR A 108 17.93 13.09 -21.86
N LEU A 109 16.61 12.94 -22.09
CA LEU A 109 16.03 13.22 -23.40
C LEU A 109 16.23 14.64 -23.85
N ALA A 110 16.07 15.63 -22.94
CA ALA A 110 16.03 17.02 -23.32
C ALA A 110 17.31 17.80 -23.05
N ASP A 111 18.30 17.19 -22.38
CA ASP A 111 19.52 17.90 -21.98
C ASP A 111 20.21 18.54 -23.19
N ASP A 112 20.47 19.85 -23.10
CA ASP A 112 21.19 20.66 -24.09
C ASP A 112 20.44 20.88 -25.38
N LEU A 113 19.12 20.62 -25.38
CA LEU A 113 18.31 20.81 -26.59
C LEU A 113 17.34 21.99 -26.46
N THR A 114 16.90 22.51 -27.61
CA THR A 114 15.95 23.61 -27.72
C THR A 114 14.87 23.15 -28.70
N TRP A 115 13.62 23.50 -28.43
CA TRP A 115 12.49 23.13 -29.30
C TRP A 115 11.34 24.07 -29.14
N CYS A 116 10.54 24.21 -30.21
CA CYS A 116 9.29 24.95 -30.25
C CYS A 116 8.58 24.67 -31.57
N GLY A 117 7.30 24.94 -31.57
CA GLY A 117 6.44 24.80 -32.74
C GLY A 117 5.75 26.11 -33.05
N GLU A 118 4.80 26.06 -33.97
CA GLU A 118 4.00 27.23 -34.39
C GLU A 118 2.55 26.84 -34.16
N PHE A 119 1.70 27.81 -33.79
CA PHE A 119 0.27 27.60 -33.50
C PHE A 119 -0.56 26.91 -34.62
N ALA A 120 -0.62 27.49 -35.82
CA ALA A 120 -1.48 26.97 -36.89
C ALA A 120 -0.97 25.73 -37.63
N THR A 121 0.36 25.53 -37.66
CA THR A 121 0.95 24.43 -38.43
C THR A 121 1.53 23.31 -37.54
N SER A 122 1.84 22.16 -38.15
CA SER A 122 2.44 21.00 -37.50
C SER A 122 3.99 21.05 -37.63
N LYS A 123 4.54 22.20 -38.05
CA LYS A 123 5.97 22.44 -38.29
C LYS A 123 6.74 22.65 -36.98
N ILE A 124 7.98 22.17 -36.95
CA ILE A 124 8.91 22.38 -35.84
C ILE A 124 9.62 23.67 -36.23
N ASN A 125 9.55 24.71 -35.37
CA ASN A 125 10.17 25.99 -35.67
C ASN A 125 11.67 25.87 -35.44
N TYR A 126 12.41 25.65 -36.53
CA TYR A 126 13.87 25.52 -36.53
C TYR A 126 14.58 26.87 -36.73
N GLN A 127 13.82 27.93 -37.03
CA GLN A 127 14.44 29.23 -37.27
C GLN A 127 14.75 29.96 -35.96
N SER A 128 13.72 30.07 -35.07
CA SER A 128 13.83 30.75 -33.78
C SER A 128 12.81 30.22 -32.74
N CYS A 129 13.17 30.30 -31.44
CA CYS A 129 12.29 29.89 -30.33
C CYS A 129 12.28 30.99 -29.27
N PRO A 130 11.16 31.18 -28.51
CA PRO A 130 11.12 32.27 -27.51
C PRO A 130 12.24 32.28 -26.48
N ASP A 131 12.81 33.48 -26.23
CA ASP A 131 13.86 33.66 -25.22
C ASP A 131 13.09 33.86 -23.94
N TRP A 132 13.44 33.08 -22.90
CA TRP A 132 12.70 33.11 -21.65
C TRP A 132 12.69 34.50 -20.98
N ARG A 133 13.72 35.33 -21.19
CA ARG A 133 13.78 36.66 -20.58
C ARG A 133 13.26 37.80 -21.47
N LYS A 134 13.49 37.70 -22.79
CA LYS A 134 13.12 38.70 -23.80
C LYS A 134 11.71 38.53 -24.38
N ASP A 135 11.29 37.28 -24.68
CA ASP A 135 10.00 37.00 -25.34
C ASP A 135 8.89 36.57 -24.39
N CYS A 136 9.01 35.39 -23.75
CA CYS A 136 7.96 34.87 -22.85
C CYS A 136 8.55 33.77 -22.00
N SER A 137 8.10 33.70 -20.75
CA SER A 137 8.52 32.72 -19.77
C SER A 137 7.83 31.34 -19.99
N ASN A 138 6.55 31.32 -20.44
CA ASN A 138 5.77 30.10 -20.70
C ASN A 138 6.04 29.47 -22.08
N ASN A 139 7.31 29.21 -22.36
CA ASN A 139 7.74 28.62 -23.62
C ASN A 139 7.98 27.10 -23.48
N PRO A 140 8.05 26.34 -24.60
CA PRO A 140 8.20 24.86 -24.48
C PRO A 140 9.36 24.39 -23.61
N VAL A 141 10.56 24.96 -23.78
CA VAL A 141 11.76 24.52 -23.05
C VAL A 141 11.66 24.87 -21.56
N SER A 142 11.29 26.14 -21.22
CA SER A 142 11.19 26.56 -19.80
C SER A 142 10.09 25.80 -19.05
N VAL A 143 8.94 25.56 -19.72
CA VAL A 143 7.85 24.86 -19.04
C VAL A 143 8.21 23.38 -18.81
N PHE A 144 8.93 22.76 -19.75
CA PHE A 144 9.37 21.37 -19.59
C PHE A 144 10.24 21.26 -18.32
N TRP A 145 11.29 22.07 -18.21
CA TRP A 145 12.20 21.96 -17.07
C TRP A 145 11.54 22.28 -15.75
N LYS A 146 10.69 23.30 -15.70
CA LYS A 146 10.02 23.68 -14.48
C LYS A 146 9.05 22.59 -14.03
N THR A 147 8.38 21.92 -14.98
CA THR A 147 7.41 20.86 -14.62
C THR A 147 8.10 19.56 -14.20
N VAL A 148 9.08 19.13 -14.96
CA VAL A 148 9.82 17.90 -14.66
CA VAL A 148 9.83 17.91 -14.66
C VAL A 148 10.62 18.02 -13.35
N SER A 149 11.23 19.20 -13.11
CA SER A 149 12.06 19.42 -11.91
C SER A 149 11.34 19.31 -10.59
N ARG A 150 10.10 19.79 -10.55
CA ARG A 150 9.37 19.82 -9.28
C ARG A 150 9.22 18.42 -8.65
N ARG A 151 8.95 17.40 -9.48
CA ARG A 151 8.78 16.04 -9.02
C ARG A 151 10.12 15.44 -8.53
N PHE A 152 11.21 15.81 -9.22
CA PHE A 152 12.54 15.34 -8.83
C PHE A 152 12.94 15.96 -7.47
N ALA A 153 12.55 17.25 -7.24
CA ALA A 153 12.85 17.92 -5.96
C ALA A 153 11.98 17.32 -4.85
N GLU A 154 10.72 16.95 -5.17
CA GLU A 154 9.79 16.37 -4.20
C GLU A 154 10.32 15.03 -3.73
N ALA A 155 11.13 14.35 -4.55
CA ALA A 155 11.66 13.04 -4.24
C ALA A 155 12.80 13.09 -3.24
N ALA A 156 13.56 14.18 -3.23
CA ALA A 156 14.80 14.25 -2.42
C ALA A 156 14.56 14.04 -0.93
N CYS A 157 15.51 13.34 -0.27
CA CYS A 157 15.39 13.07 1.17
C CYS A 157 16.72 13.21 1.86
N ASP A 158 16.63 13.25 3.21
CA ASP A 158 17.75 13.29 4.14
C ASP A 158 18.62 14.53 3.91
N VAL A 159 19.81 14.40 3.32
CA VAL A 159 20.63 15.58 3.02
C VAL A 159 20.52 15.80 1.51
N VAL A 160 19.92 16.91 1.12
CA VAL A 160 19.78 17.20 -0.30
C VAL A 160 20.99 18.06 -0.67
N HIS A 161 21.78 17.60 -1.63
CA HIS A 161 22.99 18.31 -2.10
C HIS A 161 22.69 19.19 -3.32
N VAL A 162 23.22 20.42 -3.34
CA VAL A 162 23.05 21.32 -4.50
C VAL A 162 24.42 21.92 -4.85
N MET A 163 24.78 21.87 -6.13
CA MET A 163 26.04 22.46 -6.59
C MET A 163 25.70 23.87 -7.09
N LEU A 164 26.46 24.89 -6.66
CA LEU A 164 26.22 26.29 -7.05
C LEU A 164 27.51 26.87 -7.62
N ASP A 165 27.37 27.82 -8.54
CA ASP A 165 28.50 28.45 -9.23
C ASP A 165 28.93 29.69 -8.44
N GLY A 166 30.07 29.59 -7.77
CA GLY A 166 30.60 30.67 -6.95
C GLY A 166 31.25 31.81 -7.71
N SER A 167 31.45 31.64 -9.04
CA SER A 167 32.04 32.66 -9.91
C SER A 167 30.95 33.64 -10.44
N ARG A 168 29.67 33.33 -10.14
CA ARG A 168 28.51 34.12 -10.55
C ARG A 168 28.32 35.34 -9.66
N SER A 169 27.61 36.37 -10.18
CA SER A 169 27.28 37.60 -9.46
C SER A 169 26.27 37.26 -8.36
N LYS A 170 25.43 36.25 -8.60
CA LYS A 170 24.46 35.72 -7.65
C LYS A 170 24.67 34.22 -7.55
N ILE A 171 25.44 33.77 -6.53
CA ILE A 171 25.76 32.35 -6.29
C ILE A 171 24.44 31.57 -6.20
N PHE A 172 23.49 32.08 -5.38
CA PHE A 172 22.14 31.55 -5.30
C PHE A 172 21.21 32.58 -5.94
N ASP A 173 20.55 32.21 -7.06
CA ASP A 173 19.60 33.09 -7.73
C ASP A 173 18.19 32.65 -7.38
N LYS A 174 17.45 33.51 -6.68
CA LYS A 174 16.06 33.29 -6.24
C LYS A 174 15.10 33.05 -7.41
N ASP A 175 15.47 33.53 -8.62
CA ASP A 175 14.65 33.41 -9.85
C ASP A 175 15.14 32.31 -10.82
N SER A 176 16.08 31.44 -10.38
CA SER A 176 16.56 30.31 -11.19
C SER A 176 15.55 29.14 -11.03
N THR A 177 15.68 28.03 -11.78
CA THR A 177 14.79 26.86 -11.62
C THR A 177 14.95 26.28 -10.21
N PHE A 178 16.20 26.19 -9.73
CA PHE A 178 16.47 25.75 -8.37
C PHE A 178 15.78 26.67 -7.34
N GLY A 179 16.01 27.98 -7.47
CA GLY A 179 15.48 29.00 -6.58
C GLY A 179 13.98 29.26 -6.63
N SER A 180 13.34 29.08 -7.80
CA SER A 180 11.90 29.34 -7.95
C SER A 180 11.04 28.08 -7.90
N VAL A 181 11.62 26.91 -8.18
CA VAL A 181 10.89 25.63 -8.23
C VAL A 181 11.41 24.61 -7.21
N GLU A 182 12.66 24.14 -7.39
CA GLU A 182 13.22 23.04 -6.61
C GLU A 182 13.24 23.29 -5.10
N VAL A 183 13.76 24.46 -4.66
CA VAL A 183 13.82 24.80 -3.23
C VAL A 183 12.45 24.68 -2.54
N HIS A 184 11.39 25.18 -3.19
CA HIS A 184 10.04 25.22 -2.63
C HIS A 184 9.32 23.85 -2.62
N ASN A 185 9.86 22.86 -3.32
CA ASN A 185 9.28 21.51 -3.36
C ASN A 185 10.03 20.49 -2.48
N LEU A 186 11.09 20.96 -1.78
CA LEU A 186 11.83 20.11 -0.85
C LEU A 186 10.92 19.92 0.36
N GLN A 187 10.66 18.68 0.75
CA GLN A 187 9.70 18.41 1.82
C GLN A 187 10.34 18.24 3.20
N PRO A 188 10.07 19.16 4.16
CA PRO A 188 10.68 19.05 5.50
C PRO A 188 10.42 17.78 6.30
N GLU A 189 9.36 17.04 5.97
CA GLU A 189 9.04 15.78 6.65
C GLU A 189 10.03 14.67 6.26
N LYS A 190 10.76 14.89 5.15
CA LYS A 190 11.69 13.96 4.53
C LYS A 190 13.11 14.55 4.45
N VAL A 191 13.22 15.87 4.37
CA VAL A 191 14.50 16.54 4.19
C VAL A 191 14.95 17.13 5.50
N GLN A 192 16.12 16.69 5.94
CA GLN A 192 16.76 17.13 7.18
C GLN A 192 17.62 18.38 6.90
N THR A 193 18.46 18.33 5.86
CA THR A 193 19.39 19.41 5.51
C THR A 193 19.50 19.63 4.02
N LEU A 194 19.69 20.89 3.63
CA LEU A 194 20.06 21.25 2.26
C LEU A 194 21.55 21.60 2.39
N GLU A 195 22.42 20.85 1.69
CA GLU A 195 23.86 21.12 1.72
C GLU A 195 24.27 21.72 0.38
N ALA A 196 24.73 22.99 0.40
CA ALA A 196 25.19 23.63 -0.82
C ALA A 196 26.69 23.43 -0.97
N TRP A 197 27.15 23.14 -2.19
CA TRP A 197 28.56 23.02 -2.52
C TRP A 197 28.84 24.22 -3.44
N VAL A 198 29.54 25.25 -2.93
CA VAL A 198 29.81 26.46 -3.72
C VAL A 198 31.11 26.22 -4.49
N ILE A 199 31.02 26.12 -5.82
CA ILE A 199 32.15 25.83 -6.71
C ILE A 199 32.95 27.09 -7.05
N HIS A 200 34.26 27.06 -6.79
CA HIS A 200 35.20 28.13 -7.14
C HIS A 200 35.73 27.71 -8.54
N GLY A 201 34.85 27.82 -9.53
CA GLY A 201 35.10 27.38 -10.90
C GLY A 201 36.16 28.17 -11.65
N GLY A 202 35.94 29.48 -11.75
CA GLY A 202 36.81 30.41 -12.46
C GLY A 202 38.05 30.81 -11.69
N ARG A 203 38.27 32.15 -11.58
CA ARG A 203 39.40 32.79 -10.89
C ARG A 203 39.57 32.33 -9.45
N GLU A 204 40.81 32.40 -8.95
CA GLU A 204 41.17 32.02 -7.58
C GLU A 204 40.47 33.00 -6.64
N ASP A 205 39.60 32.47 -5.77
CA ASP A 205 38.84 33.26 -4.82
C ASP A 205 39.02 32.62 -3.46
N SER A 206 39.95 33.16 -2.65
CA SER A 206 40.24 32.60 -1.32
C SER A 206 39.15 32.88 -0.29
N ARG A 207 38.14 33.69 -0.67
CA ARG A 207 37.05 34.07 0.21
C ARG A 207 36.19 32.87 0.60
N ASP A 208 35.63 32.90 1.81
CA ASP A 208 34.69 31.88 2.28
C ASP A 208 33.37 32.29 1.59
N LEU A 209 33.09 31.71 0.41
CA LEU A 209 31.90 32.08 -0.36
C LEU A 209 30.58 31.63 0.30
N CYS A 210 30.66 30.82 1.38
CA CYS A 210 29.51 30.40 2.17
C CYS A 210 29.01 31.54 3.08
N GLN A 211 29.63 32.73 2.96
CA GLN A 211 29.29 33.94 3.71
C GLN A 211 28.71 35.01 2.78
N ASP A 212 28.60 34.71 1.48
CA ASP A 212 28.03 35.60 0.46
C ASP A 212 26.56 35.92 0.77
N PRO A 213 26.08 37.17 0.53
CA PRO A 213 24.67 37.50 0.86
C PRO A 213 23.61 36.55 0.28
N THR A 214 23.79 36.09 -0.98
CA THR A 214 22.84 35.17 -1.64
C THR A 214 22.79 33.80 -0.95
N ILE A 215 23.91 33.37 -0.32
CA ILE A 215 23.96 32.10 0.44
C ILE A 215 23.15 32.25 1.73
N LYS A 216 23.31 33.39 2.44
CA LYS A 216 22.55 33.71 3.66
C LYS A 216 21.06 33.88 3.33
N GLU A 217 20.75 34.31 2.08
CA GLU A 217 19.39 34.46 1.57
C GLU A 217 18.77 33.04 1.40
N LEU A 218 19.55 32.11 0.77
CA LEU A 218 19.17 30.71 0.57
C LEU A 218 18.94 30.02 1.93
N GLU A 219 19.83 30.27 2.90
CA GLU A 219 19.76 29.77 4.28
C GLU A 219 18.43 30.17 4.92
N SER A 220 18.04 31.46 4.77
CA SER A 220 16.80 32.07 5.28
C SER A 220 15.54 31.47 4.66
N ILE A 221 15.52 31.29 3.32
CA ILE A 221 14.37 30.70 2.59
C ILE A 221 14.14 29.25 3.06
N ILE A 222 15.22 28.46 3.12
CA ILE A 222 15.22 27.07 3.53
C ILE A 222 14.88 26.92 5.04
N SER A 223 15.23 27.94 5.86
CA SER A 223 14.95 27.98 7.30
C SER A 223 13.45 28.11 7.57
N LYS A 224 12.76 28.99 6.82
CA LYS A 224 11.31 29.25 6.95
C LYS A 224 10.48 28.03 6.56
N ARG A 225 11.09 27.08 5.84
CA ARG A 225 10.48 25.83 5.42
C ARG A 225 10.89 24.69 6.38
N ASN A 226 11.46 25.05 7.55
CA ASN A 226 11.91 24.15 8.63
C ASN A 226 12.94 23.10 8.20
N ILE A 227 13.91 23.51 7.35
CA ILE A 227 14.99 22.61 6.91
C ILE A 227 16.32 23.26 7.30
N GLN A 228 17.28 22.44 7.75
CA GLN A 228 18.63 22.86 8.16
C GLN A 228 19.47 23.22 6.90
N PHE A 229 20.47 24.07 7.07
CA PHE A 229 21.32 24.48 5.95
C PHE A 229 22.77 24.27 6.29
N SER A 230 23.54 23.77 5.33
CA SER A 230 24.96 23.47 5.43
C SER A 230 25.62 23.96 4.13
N CYS A 231 26.82 24.53 4.22
CA CYS A 231 27.50 25.05 3.05
C CYS A 231 28.99 24.66 3.08
N LYS A 232 29.50 24.21 1.93
CA LYS A 232 30.89 23.78 1.74
C LYS A 232 31.49 24.50 0.54
N ASN A 233 32.72 24.94 0.67
CA ASN A 233 33.42 25.58 -0.43
C ASN A 233 34.16 24.53 -1.18
N ILE A 234 34.07 24.53 -2.51
CA ILE A 234 34.90 23.65 -3.32
C ILE A 234 35.92 24.55 -4.02
N TYR A 235 37.01 24.88 -3.30
CA TYR A 235 38.08 25.76 -3.76
C TYR A 235 38.77 25.27 -5.02
N ARG A 236 39.03 23.94 -5.12
CA ARG A 236 39.70 23.33 -6.27
C ARG A 236 38.81 22.26 -6.94
N PRO A 237 38.00 22.64 -7.97
CA PRO A 237 37.08 21.66 -8.60
C PRO A 237 37.74 20.58 -9.44
N ASP A 238 38.87 20.92 -10.10
CA ASP A 238 39.64 20.00 -10.93
C ASP A 238 40.22 18.85 -10.10
N LYS A 239 40.68 19.16 -8.86
CA LYS A 239 41.22 18.18 -7.91
C LYS A 239 40.08 17.48 -7.14
N PHE A 240 38.90 18.13 -7.04
CA PHE A 240 37.72 17.58 -6.37
C PHE A 240 37.23 16.30 -7.04
N LEU A 241 37.24 16.26 -8.40
CA LEU A 241 36.83 15.09 -9.17
C LEU A 241 37.75 13.87 -8.93
N GLN A 242 39.07 14.10 -8.75
CA GLN A 242 40.00 13.00 -8.49
C GLN A 242 39.83 12.44 -7.05
N CYS A 243 39.44 13.32 -6.09
CA CYS A 243 39.21 12.95 -4.70
C CYS A 243 37.88 12.22 -4.55
N GLN B 1 3.75 16.18 4.56
CA GLN B 1 3.35 14.85 4.98
C GLN B 1 2.40 14.30 3.87
N VAL B 2 2.78 13.24 3.12
CA VAL B 2 1.85 12.69 2.10
C VAL B 2 0.76 11.92 2.81
N GLN B 3 -0.51 12.16 2.42
CA GLN B 3 -1.62 11.43 3.00
C GLN B 3 -2.62 11.14 1.93
N LEU B 4 -3.24 9.96 2.02
CA LEU B 4 -4.30 9.55 1.12
C LEU B 4 -5.43 9.16 2.04
N VAL B 5 -6.56 9.91 1.96
CA VAL B 5 -7.71 9.70 2.84
C VAL B 5 -8.90 9.24 2.01
N GLN B 6 -9.37 8.03 2.32
CA GLN B 6 -10.46 7.44 1.57
C GLN B 6 -11.82 7.66 2.22
N SER B 7 -12.88 7.59 1.38
CA SER B 7 -14.26 7.75 1.88
C SER B 7 -14.69 6.57 2.78
N GLY B 8 -15.77 6.75 3.52
CA GLY B 8 -16.24 5.77 4.49
C GLY B 8 -16.86 4.51 3.89
N ALA B 9 -17.08 3.52 4.77
CA ALA B 9 -17.64 2.20 4.42
C ALA B 9 -18.93 2.36 3.66
N GLU B 10 -19.14 1.50 2.66
CA GLU B 10 -20.34 1.53 1.84
C GLU B 10 -21.07 0.21 1.93
N VAL B 11 -22.38 0.27 1.80
CA VAL B 11 -23.22 -0.90 1.73
C VAL B 11 -24.09 -0.69 0.50
N ALA B 12 -24.19 -1.72 -0.36
CA ALA B 12 -24.90 -1.59 -1.61
C ALA B 12 -25.71 -2.80 -1.92
N LYS B 13 -26.86 -2.59 -2.58
CA LYS B 13 -27.69 -3.74 -3.00
C LYS B 13 -27.14 -4.28 -4.35
N PRO B 14 -27.34 -5.57 -4.67
CA PRO B 14 -26.83 -6.08 -5.96
C PRO B 14 -27.41 -5.34 -7.17
N GLY B 15 -26.57 -5.19 -8.19
CA GLY B 15 -26.92 -4.51 -9.44
C GLY B 15 -26.77 -3.00 -9.43
N THR B 16 -26.57 -2.39 -8.24
CA THR B 16 -26.40 -0.95 -8.10
C THR B 16 -24.92 -0.58 -8.36
N SER B 17 -24.59 0.69 -8.21
N SER B 17 -24.59 0.72 -8.24
CA SER B 17 -23.22 1.18 -8.38
CA SER B 17 -23.25 1.26 -8.43
C SER B 17 -22.78 1.89 -7.10
C SER B 17 -22.79 2.09 -7.23
N VAL B 18 -21.46 2.14 -7.00
CA VAL B 18 -20.90 2.90 -5.90
C VAL B 18 -19.70 3.68 -6.47
N LYS B 19 -19.46 4.86 -5.91
CA LYS B 19 -18.31 5.68 -6.31
C LYS B 19 -17.51 5.95 -5.05
N LEU B 20 -16.26 5.46 -5.04
CA LEU B 20 -15.39 5.62 -3.87
C LEU B 20 -14.43 6.76 -4.12
N SER B 21 -14.00 7.43 -3.05
CA SER B 21 -13.08 8.52 -3.26
C SER B 21 -11.78 8.39 -2.46
N CYS B 22 -10.72 9.02 -2.98
CA CYS B 22 -9.39 9.01 -2.40
C CYS B 22 -8.85 10.42 -2.54
N LYS B 23 -8.76 11.16 -1.41
CA LYS B 23 -8.28 12.54 -1.40
C LYS B 23 -6.80 12.55 -1.06
N ALA B 24 -6.01 13.15 -1.93
CA ALA B 24 -4.56 13.22 -1.77
C ALA B 24 -4.13 14.57 -1.21
N SER B 25 -3.14 14.56 -0.33
CA SER B 25 -2.54 15.79 0.20
C SER B 25 -1.05 15.60 0.36
N GLY B 26 -0.33 16.72 0.38
CA GLY B 26 1.10 16.75 0.66
C GLY B 26 2.06 16.49 -0.49
N TYR B 27 1.54 16.49 -1.73
CA TYR B 27 2.36 16.30 -2.91
C TYR B 27 1.63 16.83 -4.15
N THR B 28 2.32 17.00 -5.26
CA THR B 28 1.72 17.49 -6.50
C THR B 28 0.85 16.39 -7.10
N PHE B 29 -0.46 16.50 -6.86
CA PHE B 29 -1.48 15.53 -7.27
C PHE B 29 -1.41 15.02 -8.72
N THR B 30 -1.19 15.93 -9.65
CA THR B 30 -1.19 15.62 -11.07
C THR B 30 -0.04 14.73 -11.52
N ASP B 31 1.07 14.68 -10.72
CA ASP B 31 2.32 14.10 -11.21
C ASP B 31 2.59 12.68 -10.86
N TYR B 32 1.61 11.96 -10.28
CA TYR B 32 1.87 10.59 -9.88
C TYR B 32 0.74 9.71 -10.24
N TRP B 33 1.02 8.48 -10.68
CA TRP B 33 -0.06 7.52 -10.93
C TRP B 33 -0.71 7.15 -9.60
N MET B 34 -2.01 7.04 -9.60
CA MET B 34 -2.77 6.58 -8.43
C MET B 34 -3.28 5.20 -8.81
N GLN B 35 -3.04 4.22 -7.93
CA GLN B 35 -3.39 2.86 -8.24
C GLN B 35 -4.34 2.33 -7.23
N TRP B 36 -5.18 1.37 -7.64
CA TRP B 36 -6.18 0.81 -6.71
C TRP B 36 -6.03 -0.69 -6.58
N VAL B 37 -6.28 -1.19 -5.37
CA VAL B 37 -6.06 -2.57 -5.00
C VAL B 37 -7.27 -3.09 -4.24
N LYS B 38 -7.74 -4.30 -4.58
CA LYS B 38 -8.86 -4.93 -3.92
C LYS B 38 -8.39 -6.00 -2.94
N GLN B 39 -9.08 -6.13 -1.81
CA GLN B 39 -8.78 -7.23 -0.89
C GLN B 39 -10.10 -7.81 -0.36
N ARG B 40 -10.51 -8.95 -0.92
CA ARG B 40 -11.73 -9.65 -0.46
C ARG B 40 -11.49 -10.06 1.00
N PRO B 41 -12.55 -10.17 1.81
CA PRO B 41 -12.36 -10.59 3.22
C PRO B 41 -11.56 -11.88 3.34
N GLY B 42 -10.50 -11.80 4.14
CA GLY B 42 -9.60 -12.93 4.39
C GLY B 42 -8.73 -13.36 3.24
N GLN B 43 -8.77 -12.59 2.10
CA GLN B 43 -7.99 -12.94 0.91
C GLN B 43 -6.81 -11.97 0.66
N GLY B 44 -6.09 -12.22 -0.41
CA GLY B 44 -4.90 -11.44 -0.77
C GLY B 44 -5.21 -10.18 -1.52
N LEU B 45 -4.17 -9.44 -1.86
CA LEU B 45 -4.28 -8.19 -2.60
C LEU B 45 -4.46 -8.49 -4.10
N GLU B 46 -5.24 -7.68 -4.78
CA GLU B 46 -5.42 -7.82 -6.23
C GLU B 46 -5.31 -6.41 -6.84
N TRP B 47 -4.46 -6.24 -7.84
CA TRP B 47 -4.29 -4.92 -8.46
C TRP B 47 -5.49 -4.69 -9.41
N ILE B 48 -6.16 -3.52 -9.26
CA ILE B 48 -7.35 -3.23 -10.07
C ILE B 48 -7.00 -2.42 -11.32
N GLY B 49 -6.39 -1.26 -11.11
CA GLY B 49 -6.14 -0.37 -12.21
C GLY B 49 -5.51 0.90 -11.70
N THR B 50 -5.35 1.85 -12.62
CA THR B 50 -4.61 3.06 -12.31
C THR B 50 -5.08 4.24 -13.16
N ILE B 51 -4.86 5.42 -12.64
CA ILE B 51 -5.11 6.68 -13.34
C ILE B 51 -3.92 7.61 -13.13
N TYR B 52 -3.56 8.35 -14.17
CA TYR B 52 -2.54 9.39 -14.06
C TYR B 52 -3.31 10.70 -14.06
N PRO B 53 -3.48 11.37 -12.92
CA PRO B 53 -4.38 12.54 -12.90
C PRO B 53 -3.99 13.72 -13.81
N GLY B 54 -2.71 13.85 -14.12
CA GLY B 54 -2.22 14.93 -14.96
C GLY B 54 -2.88 14.98 -16.32
N ASP B 55 -3.13 13.79 -16.95
CA ASP B 55 -3.77 13.74 -18.28
C ASP B 55 -5.05 12.85 -18.31
N GLY B 56 -5.39 12.20 -17.20
CA GLY B 56 -6.57 11.34 -17.13
C GLY B 56 -6.44 9.97 -17.74
N ASP B 57 -5.22 9.56 -18.14
CA ASP B 57 -5.02 8.24 -18.74
C ASP B 57 -5.29 7.16 -17.69
N THR B 58 -5.88 6.08 -18.12
CA THR B 58 -6.23 4.99 -17.18
C THR B 58 -5.86 3.64 -17.78
N GLY B 59 -5.87 2.62 -16.94
CA GLY B 59 -5.61 1.24 -17.37
C GLY B 59 -6.12 0.29 -16.32
N TYR B 60 -6.63 -0.87 -16.69
CA TYR B 60 -7.20 -1.78 -15.69
C TYR B 60 -6.78 -3.18 -15.98
N ALA B 61 -6.66 -3.99 -14.93
CA ALA B 61 -6.40 -5.42 -15.13
C ALA B 61 -7.68 -6.02 -15.79
N GLN B 62 -7.51 -7.05 -16.65
CA GLN B 62 -8.62 -7.65 -17.41
C GLN B 62 -9.85 -7.97 -16.57
N LYS B 63 -9.62 -8.55 -15.37
CA LYS B 63 -10.66 -8.93 -14.40
C LYS B 63 -11.63 -7.77 -14.11
N PHE B 64 -11.11 -6.53 -14.07
CA PHE B 64 -11.86 -5.33 -13.71
C PHE B 64 -12.24 -4.43 -14.82
N GLN B 65 -11.90 -4.77 -16.09
CA GLN B 65 -12.32 -3.91 -17.20
C GLN B 65 -13.84 -4.08 -17.40
N GLY B 66 -14.54 -2.96 -17.43
CA GLY B 66 -16.00 -2.95 -17.51
C GLY B 66 -16.67 -2.92 -16.14
N LYS B 67 -15.89 -3.10 -15.04
CA LYS B 67 -16.38 -3.10 -13.66
C LYS B 67 -15.95 -1.78 -12.98
N ALA B 68 -14.68 -1.44 -13.16
CA ALA B 68 -14.10 -0.23 -12.54
C ALA B 68 -13.87 0.90 -13.51
N THR B 69 -14.21 2.12 -13.09
CA THR B 69 -13.89 3.30 -13.88
C THR B 69 -13.24 4.29 -12.95
N LEU B 70 -12.07 4.76 -13.36
CA LEU B 70 -11.36 5.73 -12.55
C LEU B 70 -11.43 7.10 -13.19
N THR B 71 -11.64 8.13 -12.35
CA THR B 71 -11.61 9.51 -12.79
C THR B 71 -10.84 10.31 -11.74
N ALA B 72 -10.47 11.55 -12.09
CA ALA B 72 -9.75 12.40 -11.16
C ALA B 72 -10.27 13.82 -11.25
N ASP B 73 -10.37 14.50 -10.10
CA ASP B 73 -10.83 15.88 -9.99
C ASP B 73 -9.61 16.68 -9.53
N LYS B 74 -8.95 17.37 -10.47
CA LYS B 74 -7.73 18.10 -10.14
C LYS B 74 -7.96 19.21 -9.09
N SER B 75 -9.15 19.87 -9.11
CA SER B 75 -9.41 20.95 -8.16
C SER B 75 -9.44 20.48 -6.71
N SER B 76 -10.10 19.33 -6.45
CA SER B 76 -10.23 18.76 -5.11
C SER B 76 -9.11 17.77 -4.78
N LYS B 77 -8.17 17.52 -5.74
CA LYS B 77 -7.07 16.54 -5.54
C LYS B 77 -7.67 15.17 -5.10
N THR B 78 -8.74 14.73 -5.80
CA THR B 78 -9.42 13.48 -5.45
C THR B 78 -9.50 12.56 -6.66
N VAL B 79 -9.21 11.29 -6.42
CA VAL B 79 -9.41 10.26 -7.43
C VAL B 79 -10.68 9.51 -7.01
N TYR B 80 -11.52 9.16 -8.00
CA TYR B 80 -12.72 8.38 -7.73
C TYR B 80 -12.68 7.07 -8.44
N MET B 81 -13.18 6.00 -7.78
CA MET B 81 -13.35 4.73 -8.46
CA MET B 81 -13.32 4.69 -8.38
C MET B 81 -14.81 4.34 -8.43
N HIS B 82 -15.37 4.24 -9.61
CA HIS B 82 -16.76 3.88 -9.81
C HIS B 82 -16.81 2.38 -10.08
N LEU B 83 -17.64 1.65 -9.31
CA LEU B 83 -17.83 0.20 -9.48
C LEU B 83 -19.27 -0.01 -9.92
N SER B 84 -19.47 -0.65 -11.06
CA SER B 84 -20.82 -0.86 -11.63
C SER B 84 -21.34 -2.27 -11.44
N SER B 85 -22.69 -2.44 -11.60
CA SER B 85 -23.38 -3.74 -11.57
C SER B 85 -22.82 -4.64 -10.47
N LEU B 86 -22.97 -4.18 -9.24
CA LEU B 86 -22.41 -4.81 -8.06
C LEU B 86 -22.95 -6.20 -7.76
N ALA B 87 -22.05 -7.10 -7.39
CA ALA B 87 -22.39 -8.45 -7.01
C ALA B 87 -21.63 -8.78 -5.71
N SER B 88 -22.02 -9.86 -5.03
CA SER B 88 -21.41 -10.26 -3.76
C SER B 88 -19.88 -10.36 -3.84
N GLU B 89 -19.35 -10.79 -4.99
CA GLU B 89 -17.89 -10.94 -5.21
C GLU B 89 -17.14 -9.60 -5.20
N ASP B 90 -17.88 -8.49 -5.30
CA ASP B 90 -17.30 -7.15 -5.25
C ASP B 90 -17.14 -6.70 -3.79
N SER B 91 -17.68 -7.46 -2.82
CA SER B 91 -17.50 -7.06 -1.42
C SER B 91 -16.02 -7.20 -1.07
N ALA B 92 -15.40 -6.13 -0.57
CA ALA B 92 -13.97 -6.14 -0.28
C ALA B 92 -13.58 -4.79 0.31
N VAL B 93 -12.30 -4.69 0.73
CA VAL B 93 -11.72 -3.41 1.08
C VAL B 93 -10.97 -2.98 -0.19
N TYR B 94 -11.19 -1.75 -0.60
CA TYR B 94 -10.55 -1.15 -1.76
C TYR B 94 -9.57 -0.09 -1.29
N TYR B 95 -8.29 -0.24 -1.66
CA TYR B 95 -7.27 0.72 -1.26
C TYR B 95 -6.88 1.59 -2.45
N CYS B 96 -6.54 2.88 -2.23
CA CYS B 96 -5.90 3.67 -3.25
C CYS B 96 -4.49 3.80 -2.72
N ALA B 97 -3.56 3.87 -3.64
CA ALA B 97 -2.14 3.97 -3.27
C ALA B 97 -1.41 4.76 -4.35
N ARG B 98 -0.41 5.53 -3.94
CA ARG B 98 0.34 6.33 -4.89
C ARG B 98 1.48 5.52 -5.51
N GLY B 99 1.68 5.66 -6.84
CA GLY B 99 2.87 5.05 -7.46
C GLY B 99 4.03 6.01 -7.28
N ASP B 100 5.17 5.47 -6.81
CA ASP B 100 6.33 6.31 -6.59
C ASP B 100 7.00 6.47 -7.96
N TYR B 101 6.92 7.66 -8.58
CA TYR B 101 7.52 7.81 -9.91
C TYR B 101 9.00 7.43 -9.93
N TYR B 102 9.75 7.90 -8.89
CA TYR B 102 11.20 7.58 -8.78
C TYR B 102 11.45 6.30 -7.94
N GLY B 103 10.41 5.46 -7.85
CA GLY B 103 10.45 4.13 -7.24
C GLY B 103 9.88 3.07 -8.21
N SER B 104 9.94 3.37 -9.53
CA SER B 104 9.45 2.51 -10.60
C SER B 104 7.99 2.13 -10.42
N ASN B 105 7.19 3.07 -9.87
CA ASN B 105 5.72 2.88 -9.74
C ASN B 105 5.34 1.83 -8.74
N SER B 106 6.25 1.51 -7.82
CA SER B 106 5.88 0.71 -6.66
C SER B 106 5.01 1.59 -5.76
N LEU B 107 4.26 0.99 -4.81
CA LEU B 107 3.23 1.75 -4.07
C LEU B 107 3.81 2.27 -2.77
N ASP B 108 4.11 3.58 -2.72
CA ASP B 108 4.77 4.11 -1.54
C ASP B 108 3.84 4.56 -0.45
N TYR B 109 2.75 5.28 -0.75
CA TYR B 109 1.78 5.72 0.23
C TYR B 109 0.44 5.09 -0.05
N TRP B 110 -0.22 4.63 0.99
CA TRP B 110 -1.50 3.96 0.85
C TRP B 110 -2.59 4.69 1.63
N GLY B 111 -3.82 4.66 1.10
CA GLY B 111 -4.98 5.14 1.84
C GLY B 111 -5.30 4.09 2.89
N GLN B 112 -6.27 4.38 3.76
CA GLN B 112 -6.63 3.47 4.83
C GLN B 112 -7.60 2.38 4.38
N GLY B 113 -8.05 2.47 3.13
CA GLY B 113 -9.03 1.53 2.58
C GLY B 113 -10.48 1.91 2.82
N THR B 114 -11.35 1.48 1.88
CA THR B 114 -12.83 1.66 2.00
C THR B 114 -13.46 0.29 1.90
N SER B 115 -14.22 -0.09 2.91
CA SER B 115 -14.95 -1.38 2.86
C SER B 115 -16.21 -1.19 2.03
N VAL B 116 -16.45 -2.09 1.08
CA VAL B 116 -17.68 -2.12 0.28
C VAL B 116 -18.35 -3.44 0.57
N THR B 117 -19.62 -3.45 1.02
CA THR B 117 -20.34 -4.70 1.21
C THR B 117 -21.51 -4.71 0.23
N VAL B 118 -21.57 -5.76 -0.58
CA VAL B 118 -22.66 -5.92 -1.56
C VAL B 118 -23.56 -7.05 -1.09
N SER B 119 -24.82 -6.73 -0.82
CA SER B 119 -25.76 -7.75 -0.32
C SER B 119 -27.17 -7.31 -0.54
N SER B 120 -28.08 -8.31 -0.62
CA SER B 120 -29.51 -8.05 -0.69
C SER B 120 -30.07 -7.78 0.74
N ALA B 121 -29.26 -8.07 1.78
CA ALA B 121 -29.67 -7.87 3.18
C ALA B 121 -29.89 -6.39 3.54
N SER B 122 -30.75 -6.15 4.51
CA SER B 122 -31.05 -4.82 5.02
C SER B 122 -30.45 -4.69 6.43
N THR B 123 -30.18 -3.44 6.87
CA THR B 123 -29.63 -3.16 8.19
C THR B 123 -30.41 -3.95 9.25
N LYS B 124 -29.70 -4.68 10.10
CA LYS B 124 -30.35 -5.47 11.14
C LYS B 124 -29.39 -5.65 12.31
N GLY B 125 -29.90 -5.41 13.53
CA GLY B 125 -29.10 -5.60 14.73
C GLY B 125 -29.04 -7.08 15.09
N PRO B 126 -28.00 -7.48 15.84
CA PRO B 126 -27.87 -8.90 16.20
C PRO B 126 -28.83 -9.37 17.28
N SER B 127 -29.07 -10.69 17.30
CA SER B 127 -29.70 -11.36 18.43
C SER B 127 -28.53 -11.91 19.20
N VAL B 128 -28.51 -11.74 20.51
CA VAL B 128 -27.42 -12.20 21.34
C VAL B 128 -27.91 -13.33 22.22
N PHE B 129 -27.24 -14.45 22.15
CA PHE B 129 -27.63 -15.63 22.90
C PHE B 129 -26.50 -16.10 23.80
N PRO B 130 -26.81 -16.57 25.02
CA PRO B 130 -25.74 -17.02 25.90
C PRO B 130 -25.19 -18.39 25.52
N LEU B 131 -23.89 -18.59 25.74
CA LEU B 131 -23.18 -19.86 25.62
C LEU B 131 -22.84 -20.19 27.07
N ALA B 132 -23.77 -20.86 27.74
CA ALA B 132 -23.68 -21.13 29.17
C ALA B 132 -22.55 -22.06 29.60
N PRO B 133 -21.87 -21.73 30.71
CA PRO B 133 -20.82 -22.63 31.21
C PRO B 133 -21.53 -23.89 31.74
N SER B 134 -20.97 -25.05 31.48
CA SER B 134 -21.55 -26.32 31.96
C SER B 134 -20.48 -27.27 32.52
N GLY B 141 -9.58 -27.35 36.24
CA GLY B 141 -10.63 -26.50 36.80
C GLY B 141 -10.90 -25.25 36.00
N THR B 142 -11.08 -25.40 34.67
CA THR B 142 -11.35 -24.26 33.78
C THR B 142 -12.69 -24.43 33.06
N ALA B 143 -13.54 -23.40 33.12
CA ALA B 143 -14.84 -23.39 32.47
C ALA B 143 -14.78 -22.43 31.31
N ALA B 144 -15.64 -22.63 30.31
CA ALA B 144 -15.73 -21.68 29.20
C ALA B 144 -17.16 -21.21 29.11
N LEU B 145 -17.34 -19.97 28.73
CA LEU B 145 -18.68 -19.42 28.53
C LEU B 145 -18.57 -18.38 27.42
N GLY B 146 -19.68 -17.88 26.94
CA GLY B 146 -19.62 -16.90 25.87
C GLY B 146 -20.96 -16.32 25.46
N CYS B 147 -20.96 -15.58 24.34
CA CYS B 147 -22.16 -15.02 23.71
C CYS B 147 -22.10 -15.28 22.24
N LEU B 148 -23.20 -15.74 21.68
CA LEU B 148 -23.33 -15.91 20.25
C LEU B 148 -24.06 -14.67 19.75
N VAL B 149 -23.42 -13.90 18.85
CA VAL B 149 -23.92 -12.66 18.31
C VAL B 149 -24.34 -12.97 16.89
N LYS B 150 -25.63 -13.21 16.69
CA LYS B 150 -26.16 -13.78 15.45
C LYS B 150 -26.96 -12.87 14.58
N ASP B 151 -26.80 -13.03 13.25
CA ASP B 151 -27.68 -12.43 12.26
C ASP B 151 -27.74 -10.93 12.27
N TYR B 152 -26.58 -10.28 12.09
CA TYR B 152 -26.55 -8.82 12.02
C TYR B 152 -26.07 -8.41 10.64
N PHE B 153 -26.34 -7.18 10.29
CA PHE B 153 -25.87 -6.64 9.02
C PHE B 153 -25.90 -5.11 9.10
N PRO B 154 -24.89 -4.44 8.54
CA PRO B 154 -23.62 -4.98 8.01
C PRO B 154 -22.61 -5.11 9.16
N GLU B 155 -21.35 -5.40 8.84
CA GLU B 155 -20.32 -5.36 9.86
C GLU B 155 -20.04 -3.88 10.16
N PRO B 156 -19.46 -3.56 11.32
CA PRO B 156 -18.96 -4.45 12.38
C PRO B 156 -19.81 -4.46 13.63
N VAL B 157 -19.53 -5.42 14.47
CA VAL B 157 -20.05 -5.52 15.81
C VAL B 157 -18.79 -5.48 16.73
N THR B 158 -18.92 -4.89 17.93
CA THR B 158 -17.83 -4.94 18.89
C THR B 158 -18.40 -5.64 20.11
N VAL B 159 -17.54 -6.40 20.79
CA VAL B 159 -18.02 -7.01 22.02
C VAL B 159 -16.94 -6.86 23.12
N SER B 160 -17.41 -6.52 24.31
CA SER B 160 -16.61 -6.42 25.51
C SER B 160 -17.28 -7.28 26.55
N TRP B 161 -16.57 -7.54 27.65
CA TRP B 161 -17.11 -8.28 28.79
C TRP B 161 -17.03 -7.39 30.03
N ASN B 162 -18.11 -7.38 30.81
CA ASN B 162 -18.21 -6.63 32.07
C ASN B 162 -17.79 -5.15 31.88
N SER B 163 -18.30 -4.52 30.80
CA SER B 163 -18.04 -3.12 30.43
C SER B 163 -16.51 -2.84 30.30
N GLY B 164 -15.78 -3.85 29.83
CA GLY B 164 -14.34 -3.75 29.62
C GLY B 164 -13.50 -4.16 30.82
N ALA B 165 -14.13 -4.51 31.95
CA ALA B 165 -13.37 -4.95 33.13
C ALA B 165 -12.82 -6.34 32.99
N LEU B 166 -13.44 -7.15 32.06
CA LEU B 166 -12.97 -8.52 31.90
C LEU B 166 -12.34 -8.68 30.51
N THR B 167 -11.02 -8.99 30.48
CA THR B 167 -10.31 -9.16 29.22
C THR B 167 -9.44 -10.39 29.22
N SER B 168 -9.01 -10.85 30.41
N SER B 168 -8.98 -10.85 30.41
CA SER B 168 -8.15 -12.03 30.51
CA SER B 168 -8.12 -12.03 30.48
C SER B 168 -8.91 -13.26 30.05
C SER B 168 -8.90 -13.25 30.03
N GLY B 169 -8.32 -14.02 29.12
CA GLY B 169 -8.93 -15.23 28.58
C GLY B 169 -10.07 -15.00 27.61
N VAL B 170 -10.31 -13.75 27.18
CA VAL B 170 -11.35 -13.43 26.21
C VAL B 170 -10.87 -13.67 24.80
N HIS B 171 -11.72 -14.33 23.97
CA HIS B 171 -11.47 -14.48 22.54
C HIS B 171 -12.73 -14.10 21.78
N THR B 172 -12.65 -13.05 20.95
CA THR B 172 -13.80 -12.66 20.11
C THR B 172 -13.44 -13.04 18.70
N PHE B 173 -14.19 -13.98 18.15
CA PHE B 173 -13.86 -14.51 16.83
C PHE B 173 -14.23 -13.56 15.72
N PRO B 174 -13.53 -13.61 14.59
CA PRO B 174 -13.92 -12.82 13.43
C PRO B 174 -15.31 -13.29 12.97
N ALA B 175 -16.07 -12.35 12.40
CA ALA B 175 -17.40 -12.66 11.89
C ALA B 175 -17.35 -13.62 10.72
N VAL B 176 -18.43 -14.38 10.55
CA VAL B 176 -18.57 -15.29 9.41
C VAL B 176 -19.80 -14.85 8.62
N LEU B 177 -19.67 -14.74 7.29
CA LEU B 177 -20.79 -14.39 6.44
C LEU B 177 -21.66 -15.63 6.26
N GLN B 178 -22.92 -15.49 6.63
CA GLN B 178 -23.92 -16.54 6.53
CA GLN B 178 -23.87 -16.58 6.51
C GLN B 178 -24.48 -16.61 5.10
N SER B 179 -25.12 -17.74 4.74
CA SER B 179 -25.74 -17.83 3.40
C SER B 179 -26.86 -16.78 3.18
N SER B 180 -27.47 -16.26 4.28
CA SER B 180 -28.50 -15.20 4.28
C SER B 180 -27.95 -13.82 3.89
N GLY B 181 -26.63 -13.66 3.94
CA GLY B 181 -25.96 -12.40 3.73
C GLY B 181 -25.75 -11.68 5.05
N LEU B 182 -26.29 -12.26 6.16
CA LEU B 182 -26.10 -11.71 7.51
C LEU B 182 -24.81 -12.27 8.08
N TYR B 183 -24.32 -11.67 9.17
CA TYR B 183 -23.08 -12.10 9.80
C TYR B 183 -23.36 -12.65 11.19
N SER B 184 -22.46 -13.50 11.66
CA SER B 184 -22.54 -14.05 13.02
CA SER B 184 -22.54 -14.05 13.02
C SER B 184 -21.14 -14.23 13.59
N LEU B 185 -21.02 -14.17 14.92
CA LEU B 185 -19.75 -14.46 15.57
C LEU B 185 -20.05 -14.83 16.99
N SER B 186 -19.09 -15.46 17.67
CA SER B 186 -19.17 -15.73 19.10
C SER B 186 -17.99 -15.05 19.77
N SER B 187 -18.19 -14.69 21.03
CA SER B 187 -17.12 -14.17 21.88
C SER B 187 -17.13 -15.10 23.08
N VAL B 188 -15.97 -15.60 23.47
CA VAL B 188 -15.92 -16.55 24.55
C VAL B 188 -14.88 -16.13 25.57
N VAL B 189 -15.00 -16.69 26.78
N VAL B 189 -14.96 -16.73 26.76
CA VAL B 189 -14.06 -16.43 27.89
CA VAL B 189 -13.97 -16.46 27.79
C VAL B 189 -13.84 -17.74 28.64
C VAL B 189 -13.81 -17.73 28.64
N THR B 190 -12.57 -18.05 29.03
CA THR B 190 -12.28 -19.20 29.90
C THR B 190 -12.00 -18.59 31.28
N VAL B 191 -12.60 -19.17 32.33
CA VAL B 191 -12.50 -18.64 33.70
C VAL B 191 -12.29 -19.81 34.67
N PRO B 192 -11.85 -19.56 35.92
CA PRO B 192 -11.77 -20.68 36.87
C PRO B 192 -13.17 -21.22 37.15
N SER B 193 -13.33 -22.54 37.11
CA SER B 193 -14.64 -23.15 37.36
C SER B 193 -15.13 -22.85 38.81
N SER B 194 -14.21 -22.66 39.77
CA SER B 194 -14.58 -22.34 41.15
C SER B 194 -15.19 -20.94 41.29
N SER B 195 -14.96 -20.08 40.29
CA SER B 195 -15.44 -18.70 40.25
C SER B 195 -16.89 -18.55 39.77
N LEU B 196 -17.48 -19.60 39.15
CA LEU B 196 -18.81 -19.48 38.56
C LEU B 196 -19.96 -19.05 39.51
N GLY B 197 -19.89 -19.38 40.78
CA GLY B 197 -20.95 -18.96 41.68
C GLY B 197 -20.81 -17.55 42.21
N THR B 198 -19.60 -16.97 42.12
CA THR B 198 -19.32 -15.65 42.70
C THR B 198 -18.89 -14.56 41.72
N GLN B 199 -18.98 -14.84 40.43
CA GLN B 199 -18.55 -13.87 39.44
C GLN B 199 -19.66 -13.72 38.41
N THR B 200 -20.05 -12.49 38.07
CA THR B 200 -21.07 -12.22 37.07
C THR B 200 -20.39 -12.00 35.73
N TYR B 201 -20.97 -12.58 34.66
CA TYR B 201 -20.38 -12.44 33.35
C TYR B 201 -21.41 -11.87 32.41
N ILE B 202 -21.12 -10.68 31.90
CA ILE B 202 -22.01 -9.99 30.99
C ILE B 202 -21.27 -9.61 29.70
N CYS B 203 -21.80 -10.03 28.54
CA CYS B 203 -21.18 -9.61 27.29
C CYS B 203 -21.92 -8.38 26.78
N ASN B 204 -21.15 -7.36 26.37
CA ASN B 204 -21.73 -6.10 25.92
C ASN B 204 -21.50 -6.04 24.44
N VAL B 205 -22.57 -6.04 23.65
CA VAL B 205 -22.48 -6.06 22.20
C VAL B 205 -22.95 -4.73 21.67
N ASN B 206 -22.19 -4.17 20.74
CA ASN B 206 -22.54 -2.92 20.15
C ASN B 206 -22.52 -3.05 18.63
N HIS B 207 -23.64 -2.75 17.99
CA HIS B 207 -23.78 -2.75 16.54
C HIS B 207 -24.18 -1.35 16.11
N LYS B 208 -23.17 -0.50 15.93
CA LYS B 208 -23.38 0.92 15.55
C LYS B 208 -24.29 1.09 14.30
N PRO B 209 -24.19 0.28 13.19
CA PRO B 209 -25.09 0.54 12.04
C PRO B 209 -26.59 0.49 12.27
N SER B 210 -27.07 -0.25 13.30
CA SER B 210 -28.52 -0.35 13.57
C SER B 210 -28.88 0.35 14.91
N ASN B 211 -27.87 0.93 15.58
CA ASN B 211 -27.98 1.57 16.90
C ASN B 211 -28.43 0.52 17.95
N THR B 212 -28.00 -0.75 17.78
CA THR B 212 -28.37 -1.85 18.67
C THR B 212 -27.23 -2.06 19.68
N LYS B 213 -27.57 -2.00 20.96
CA LYS B 213 -26.63 -2.28 22.02
C LYS B 213 -27.32 -3.28 22.92
N VAL B 214 -26.66 -4.39 23.20
CA VAL B 214 -27.24 -5.46 24.02
C VAL B 214 -26.27 -5.87 25.10
N ASP B 215 -26.78 -6.05 26.35
CA ASP B 215 -25.94 -6.57 27.42
C ASP B 215 -26.56 -7.91 27.83
N LYS B 216 -25.82 -9.01 27.65
CA LYS B 216 -26.36 -10.31 27.99
C LYS B 216 -25.62 -10.97 29.17
N LYS B 217 -26.37 -11.29 30.26
CA LYS B 217 -25.78 -11.97 31.41
C LYS B 217 -25.73 -13.46 31.05
N VAL B 218 -24.56 -14.05 31.19
CA VAL B 218 -24.37 -15.46 30.86
C VAL B 218 -24.25 -16.23 32.15
N GLU B 219 -25.27 -17.08 32.40
CA GLU B 219 -25.37 -17.85 33.64
C GLU B 219 -25.27 -19.35 33.40
N PRO B 220 -24.81 -20.16 34.40
CA PRO B 220 -24.83 -21.62 34.22
C PRO B 220 -26.29 -22.08 34.02
N LYS B 221 -26.53 -23.08 33.16
CA LYS B 221 -27.92 -23.52 32.92
C LYS B 221 -28.47 -24.39 34.06
N SER B 222 -29.72 -24.14 34.46
CA SER B 222 -30.40 -24.85 35.54
C SER B 222 -30.82 -26.27 35.12
N ASP C 1 -1.57 -11.45 -18.27
CA ASP C 1 -1.01 -10.92 -17.03
C ASP C 1 0.15 -11.78 -16.56
N ILE C 2 1.12 -11.17 -15.88
CA ILE C 2 2.24 -11.91 -15.30
C ILE C 2 1.73 -12.46 -13.97
N VAL C 3 1.99 -13.74 -13.71
CA VAL C 3 1.56 -14.42 -12.49
C VAL C 3 2.73 -14.45 -11.53
N MET C 4 2.49 -14.02 -10.27
CA MET C 4 3.51 -14.03 -9.23
C MET C 4 3.12 -15.09 -8.24
N THR C 5 4.02 -16.06 -8.02
CA THR C 5 3.72 -17.21 -7.15
C THR C 5 4.62 -17.23 -5.94
N GLN C 6 4.01 -17.17 -4.75
CA GLN C 6 4.64 -17.34 -3.45
C GLN C 6 4.13 -18.74 -3.07
N SER C 7 5.02 -19.71 -3.12
CA SER C 7 4.73 -21.14 -2.91
C SER C 7 4.39 -21.53 -1.47
N HIS C 8 4.86 -20.76 -0.46
CA HIS C 8 4.52 -21.03 0.93
C HIS C 8 3.44 -20.06 1.37
N LEU C 9 2.28 -20.57 1.79
CA LEU C 9 1.22 -19.72 2.31
C LEU C 9 1.54 -19.27 3.71
N SER C 10 2.33 -20.09 4.44
CA SER C 10 2.65 -19.79 5.83
C SER C 10 4.04 -20.26 6.17
N MET C 11 4.72 -19.53 7.04
CA MET C 11 6.05 -19.88 7.52
C MET C 11 6.12 -19.67 9.01
N SER C 12 6.66 -20.65 9.73
CA SER C 12 6.80 -20.55 11.17
C SER C 12 8.23 -20.15 11.45
N THR C 13 8.45 -19.22 12.37
CA THR C 13 9.80 -18.75 12.72
C THR C 13 9.95 -18.53 14.24
N SER C 14 11.15 -18.15 14.70
CA SER C 14 11.40 -17.82 16.10
C SER C 14 11.99 -16.44 16.15
N LEU C 15 11.73 -15.70 17.24
CA LEU C 15 12.29 -14.35 17.39
C LEU C 15 13.82 -14.44 17.33
N GLY C 16 14.41 -13.54 16.55
CA GLY C 16 15.86 -13.49 16.37
C GLY C 16 16.42 -14.40 15.31
N ASP C 17 15.57 -15.26 14.68
CA ASP C 17 16.06 -16.12 13.62
C ASP C 17 15.85 -15.45 12.23
N PRO C 18 16.62 -15.84 11.20
CA PRO C 18 16.35 -15.30 9.86
C PRO C 18 15.23 -16.09 9.18
N VAL C 19 14.50 -15.46 8.22
N VAL C 19 14.53 -15.46 8.21
CA VAL C 19 13.48 -16.12 7.40
CA VAL C 19 13.50 -16.14 7.44
C VAL C 19 13.62 -15.56 6.01
C VAL C 19 13.55 -15.55 6.02
N SER C 20 13.38 -16.39 4.99
CA SER C 20 13.38 -15.99 3.59
C SER C 20 12.09 -16.46 2.97
N ILE C 21 11.50 -15.59 2.17
CA ILE C 21 10.26 -15.86 1.44
C ILE C 21 10.61 -15.76 -0.02
N THR C 22 10.18 -16.77 -0.83
CA THR C 22 10.49 -16.77 -2.26
C THR C 22 9.27 -16.37 -3.09
N CYS C 23 9.52 -15.83 -4.28
CA CYS C 23 8.48 -15.40 -5.20
C CYS C 23 9.01 -15.77 -6.59
N LYS C 24 8.13 -16.27 -7.47
CA LYS C 24 8.50 -16.63 -8.82
C LYS C 24 7.58 -15.91 -9.79
N ALA C 25 8.14 -15.32 -10.83
CA ALA C 25 7.34 -14.63 -11.85
C ALA C 25 7.14 -15.56 -13.04
N SER C 26 5.96 -15.49 -13.67
CA SER C 26 5.67 -16.35 -14.85
C SER C 26 6.41 -15.90 -16.13
N GLN C 27 6.97 -14.69 -16.13
CA GLN C 27 7.71 -14.06 -17.24
C GLN C 27 8.78 -13.15 -16.63
N ASP C 28 9.81 -12.80 -17.40
CA ASP C 28 10.89 -11.93 -16.96
C ASP C 28 10.32 -10.57 -16.52
N VAL C 29 10.64 -10.19 -15.29
CA VAL C 29 10.24 -8.88 -14.77
C VAL C 29 11.50 -8.11 -14.36
N SER C 30 12.65 -8.42 -15.02
CA SER C 30 13.90 -7.75 -14.75
C SER C 30 14.17 -7.70 -13.23
N THR C 31 14.52 -6.53 -12.67
CA THR C 31 14.73 -6.42 -11.22
C THR C 31 13.58 -5.61 -10.60
N VAL C 32 12.38 -5.68 -11.16
CA VAL C 32 11.35 -4.72 -10.71
C VAL C 32 10.24 -5.42 -9.90
N VAL C 33 10.64 -5.79 -8.68
CA VAL C 33 9.77 -6.54 -7.76
C VAL C 33 9.75 -5.85 -6.39
N ALA C 34 8.53 -5.71 -5.85
CA ALA C 34 8.38 -5.08 -4.53
C ALA C 34 7.83 -6.08 -3.51
N TRP C 35 8.03 -5.76 -2.23
CA TRP C 35 7.56 -6.57 -1.13
C TRP C 35 6.83 -5.68 -0.15
N TYR C 36 5.59 -6.09 0.21
CA TYR C 36 4.73 -5.30 1.11
C TYR C 36 4.38 -6.12 2.31
N GLN C 37 4.32 -5.47 3.47
CA GLN C 37 3.96 -6.12 4.73
C GLN C 37 2.54 -5.66 5.10
N GLN C 38 1.69 -6.57 5.58
CA GLN C 38 0.36 -6.15 6.01
C GLN C 38 0.00 -6.86 7.29
N LYS C 39 -0.45 -6.07 8.25
CA LYS C 39 -0.98 -6.54 9.54
C LYS C 39 -2.53 -6.45 9.56
N PRO C 40 -3.24 -7.25 10.43
CA PRO C 40 -4.72 -7.20 10.45
C PRO C 40 -5.25 -5.81 10.70
N GLY C 41 -6.23 -5.44 9.90
CA GLY C 41 -6.90 -4.15 9.94
C GLY C 41 -6.04 -2.97 9.54
N GLN C 42 -4.90 -3.22 8.86
CA GLN C 42 -4.04 -2.13 8.44
C GLN C 42 -3.81 -2.19 6.95
N SER C 43 -3.41 -1.06 6.37
CA SER C 43 -3.04 -1.02 4.96
C SER C 43 -1.66 -1.66 4.78
N PRO C 44 -1.36 -2.19 3.59
CA PRO C 44 0.00 -2.73 3.35
C PRO C 44 1.01 -1.61 3.40
N ARG C 45 2.26 -1.99 3.66
CA ARG C 45 3.38 -1.06 3.80
C ARG C 45 4.51 -1.54 2.90
N ARG C 46 5.04 -0.66 2.03
CA ARG C 46 6.15 -1.08 1.18
C ARG C 46 7.45 -1.24 1.99
N LEU C 47 8.14 -2.41 1.87
CA LEU C 47 9.42 -2.59 2.58
C LEU C 47 10.58 -2.59 1.60
N ILE C 48 10.42 -3.29 0.48
CA ILE C 48 11.45 -3.39 -0.55
C ILE C 48 10.82 -3.11 -1.89
N TYR C 49 11.59 -2.50 -2.81
CA TYR C 49 11.10 -2.31 -4.17
C TYR C 49 12.23 -2.41 -5.18
N SER C 50 11.91 -2.55 -6.46
CA SER C 50 12.96 -2.73 -7.49
C SER C 50 13.97 -3.82 -7.06
N ALA C 51 13.40 -4.91 -6.54
CA ALA C 51 14.02 -6.17 -6.04
C ALA C 51 14.85 -6.02 -4.80
N SER C 52 15.67 -4.95 -4.68
CA SER C 52 16.57 -4.85 -3.55
C SER C 52 16.67 -3.47 -2.89
N TYR C 53 15.91 -2.48 -3.40
CA TYR C 53 15.97 -1.14 -2.82
C TYR C 53 15.12 -1.03 -1.61
N ARG C 54 15.59 -0.23 -0.65
N ARG C 54 15.60 -0.22 -0.68
CA ARG C 54 14.94 -0.05 0.63
CA ARG C 54 14.96 0.00 0.60
C ARG C 54 14.95 1.43 0.98
C ARG C 54 14.94 1.49 0.87
N TYR C 55 13.75 2.04 1.11
CA TYR C 55 13.56 3.46 1.41
C TYR C 55 14.20 3.82 2.74
N ILE C 56 14.76 5.03 2.83
CA ILE C 56 15.37 5.50 4.08
C ILE C 56 14.44 5.31 5.24
N GLY C 57 14.96 4.72 6.31
CA GLY C 57 14.16 4.52 7.50
C GLY C 57 13.55 3.15 7.61
N VAL C 58 13.46 2.40 6.49
CA VAL C 58 12.95 1.03 6.57
C VAL C 58 14.10 0.23 7.22
N PRO C 59 13.84 -0.60 8.25
CA PRO C 59 14.96 -1.31 8.90
C PRO C 59 15.81 -2.20 7.99
N ASP C 60 17.15 -2.16 8.16
CA ASP C 60 18.04 -2.95 7.32
C ASP C 60 17.96 -4.45 7.58
N ARG C 61 17.13 -4.90 8.56
CA ARG C 61 16.94 -6.35 8.72
C ARG C 61 16.12 -6.90 7.53
N PHE C 62 15.44 -5.98 6.76
CA PHE C 62 14.68 -6.40 5.58
C PHE C 62 15.55 -6.22 4.34
N THR C 63 15.71 -7.30 3.57
CA THR C 63 16.47 -7.26 2.32
C THR C 63 15.73 -8.00 1.25
N GLY C 64 16.01 -7.63 0.01
CA GLY C 64 15.44 -8.31 -1.14
C GLY C 64 16.54 -8.64 -2.11
N SER C 65 16.34 -9.69 -2.90
CA SER C 65 17.27 -10.03 -3.98
C SER C 65 16.53 -10.70 -5.10
N GLY C 66 17.22 -10.86 -6.22
CA GLY C 66 16.65 -11.56 -7.36
C GLY C 66 16.62 -10.74 -8.62
N ALA C 67 16.43 -11.43 -9.74
CA ALA C 67 16.36 -10.83 -11.07
C ALA C 67 15.71 -11.84 -11.99
N GLY C 68 15.00 -11.35 -13.01
CA GLY C 68 14.41 -12.22 -14.00
C GLY C 68 13.11 -12.79 -13.55
N THR C 69 13.11 -14.06 -13.02
CA THR C 69 11.86 -14.71 -12.60
C THR C 69 11.93 -15.23 -11.16
N ASP C 70 13.08 -15.07 -10.44
CA ASP C 70 13.21 -15.58 -9.10
C ASP C 70 13.61 -14.50 -8.13
N PHE C 71 12.81 -14.34 -7.03
CA PHE C 71 13.03 -13.27 -6.05
C PHE C 71 12.94 -13.80 -4.65
N THR C 72 13.69 -13.17 -3.74
CA THR C 72 13.71 -13.54 -2.35
C THR C 72 13.63 -12.32 -1.46
N PHE C 73 12.84 -12.42 -0.40
CA PHE C 73 12.73 -11.40 0.64
C PHE C 73 13.22 -12.05 1.93
N THR C 74 14.14 -11.41 2.62
CA THR C 74 14.68 -11.99 3.86
C THR C 74 14.56 -11.01 5.02
N ILE C 75 14.23 -11.54 6.19
CA ILE C 75 14.29 -10.81 7.45
C ILE C 75 15.50 -11.48 8.17
N SER C 76 16.58 -10.74 8.40
CA SER C 76 17.80 -11.31 8.98
C SER C 76 17.64 -11.73 10.45
N SER C 77 16.72 -11.04 11.19
CA SER C 77 16.44 -11.31 12.61
C SER C 77 15.01 -10.92 12.92
N VAL C 78 14.11 -11.94 13.00
CA VAL C 78 12.68 -11.66 13.19
C VAL C 78 12.40 -11.00 14.52
N GLN C 79 11.68 -9.87 14.47
CA GLN C 79 11.24 -9.14 15.65
C GLN C 79 9.74 -9.40 15.83
N ALA C 80 9.22 -9.14 17.05
CA ALA C 80 7.78 -9.35 17.32
C ALA C 80 6.88 -8.60 16.35
N GLU C 81 7.25 -7.36 16.01
CA GLU C 81 6.47 -6.52 15.12
C GLU C 81 6.52 -6.99 13.66
N ASP C 82 7.28 -8.04 13.36
CA ASP C 82 7.41 -8.51 11.98
C ASP C 82 6.42 -9.61 11.63
N LEU C 83 5.67 -10.10 12.62
CA LEU C 83 4.69 -11.16 12.33
C LEU C 83 3.54 -10.48 11.60
N ALA C 84 3.36 -10.87 10.34
CA ALA C 84 2.46 -10.22 9.40
C ALA C 84 2.37 -11.08 8.15
N VAL C 85 1.59 -10.62 7.14
CA VAL C 85 1.52 -11.27 5.81
C VAL C 85 2.43 -10.45 4.88
N TYR C 86 3.23 -11.13 4.04
CA TYR C 86 4.15 -10.47 3.12
C TYR C 86 3.73 -10.80 1.73
N TYR C 87 3.59 -9.76 0.88
CA TYR C 87 3.20 -9.94 -0.51
C TYR C 87 4.30 -9.49 -1.43
N CYS C 88 4.64 -10.32 -2.44
CA CYS C 88 5.54 -9.84 -3.48
C CYS C 88 4.64 -9.20 -4.55
N GLN C 89 5.23 -8.36 -5.39
CA GLN C 89 4.49 -7.77 -6.49
C GLN C 89 5.47 -7.47 -7.60
N GLN C 90 5.07 -7.65 -8.85
CA GLN C 90 5.97 -7.14 -9.89
C GLN C 90 5.40 -5.77 -10.29
N HIS C 91 6.29 -4.76 -10.36
CA HIS C 91 5.89 -3.44 -10.78
C HIS C 91 6.60 -3.05 -12.08
N TYR C 92 6.90 -4.09 -12.90
CA TYR C 92 7.60 -3.98 -14.18
C TYR C 92 6.67 -3.51 -15.29
N SER C 93 5.55 -4.17 -15.45
CA SER C 93 4.58 -3.83 -16.49
C SER C 93 3.16 -4.05 -15.98
N PRO C 94 2.25 -3.10 -16.26
CA PRO C 94 0.86 -3.31 -15.82
C PRO C 94 0.11 -4.45 -16.49
N PRO C 95 -0.83 -5.16 -15.80
CA PRO C 95 -1.22 -4.96 -14.38
C PRO C 95 -0.10 -5.36 -13.46
N TYR C 96 0.13 -4.56 -12.43
CA TYR C 96 1.24 -4.79 -11.52
C TYR C 96 0.80 -5.80 -10.47
N THR C 97 0.87 -7.06 -10.86
CA THR C 97 0.30 -8.19 -10.14
C THR C 97 1.02 -8.57 -8.84
N PHE C 98 0.21 -9.00 -7.87
CA PHE C 98 0.69 -9.43 -6.57
C PHE C 98 0.77 -10.94 -6.48
N GLY C 99 1.70 -11.41 -5.65
CA GLY C 99 1.72 -12.80 -5.24
C GLY C 99 0.58 -13.01 -4.25
N GLY C 100 0.36 -14.27 -3.90
CA GLY C 100 -0.74 -14.62 -3.01
C GLY C 100 -0.56 -14.35 -1.53
N GLY C 101 0.63 -13.95 -1.12
CA GLY C 101 0.92 -13.67 0.28
C GLY C 101 1.48 -14.85 1.04
N THR C 102 2.33 -14.56 2.02
CA THR C 102 2.92 -15.52 2.94
C THR C 102 2.79 -14.98 4.35
N LYS C 103 2.09 -15.72 5.21
CA LYS C 103 1.93 -15.31 6.59
C LYS C 103 3.09 -15.85 7.42
N LEU C 104 3.71 -14.98 8.19
N LEU C 104 3.70 -14.97 8.22
CA LEU C 104 4.82 -15.38 9.04
CA LEU C 104 4.74 -15.36 9.15
C LEU C 104 4.28 -15.43 10.49
C LEU C 104 4.07 -15.52 10.48
N GLU C 105 4.33 -16.63 11.14
CA GLU C 105 3.81 -16.87 12.49
C GLU C 105 4.95 -17.36 13.36
N ILE C 106 4.76 -17.32 14.68
N ILE C 106 4.76 -17.34 14.68
CA ILE C 106 5.84 -17.71 15.59
CA ILE C 106 5.82 -17.67 15.62
C ILE C 106 5.67 -19.13 16.13
C ILE C 106 5.67 -19.11 16.17
N LYS C 107 6.80 -19.86 16.21
CA LYS C 107 6.83 -21.23 16.70
C LYS C 107 6.78 -21.21 18.22
N ARG C 108 6.13 -22.20 18.80
CA ARG C 108 6.09 -22.43 20.24
C ARG C 108 5.87 -23.93 20.44
N THR C 109 5.98 -24.38 21.71
CA THR C 109 5.77 -25.79 22.02
C THR C 109 4.31 -26.15 21.68
N VAL C 110 4.09 -27.41 21.32
CA VAL C 110 2.76 -27.91 20.99
C VAL C 110 1.86 -27.73 22.21
N ALA C 111 0.63 -27.28 21.97
CA ALA C 111 -0.38 -27.11 23.00
C ALA C 111 -1.66 -27.66 22.46
N ALA C 112 -2.15 -28.74 23.06
CA ALA C 112 -3.42 -29.34 22.68
C ALA C 112 -4.53 -28.35 23.00
N PRO C 113 -5.62 -28.31 22.20
CA PRO C 113 -6.71 -27.40 22.55
C PRO C 113 -7.50 -27.95 23.72
N SER C 114 -8.16 -27.05 24.50
CA SER C 114 -9.15 -27.44 25.49
C SER C 114 -10.44 -27.35 24.66
N VAL C 115 -11.28 -28.39 24.68
CA VAL C 115 -12.46 -28.43 23.80
C VAL C 115 -13.74 -28.29 24.61
N PHE C 116 -14.64 -27.39 24.17
CA PHE C 116 -15.91 -27.16 24.86
C PHE C 116 -17.03 -27.19 23.86
N ILE C 117 -18.18 -27.76 24.24
CA ILE C 117 -19.33 -27.77 23.34
C ILE C 117 -20.47 -27.06 24.04
N PHE C 118 -21.20 -26.27 23.28
CA PHE C 118 -22.33 -25.51 23.77
C PHE C 118 -23.59 -25.84 22.98
N PRO C 119 -24.62 -26.41 23.63
CA PRO C 119 -25.89 -26.61 22.91
C PRO C 119 -26.55 -25.28 22.62
N PRO C 120 -27.55 -25.21 21.71
CA PRO C 120 -28.31 -23.97 21.52
C PRO C 120 -29.03 -23.61 22.81
N SER C 121 -29.18 -22.32 23.08
CA SER C 121 -29.88 -21.85 24.26
C SER C 121 -31.38 -21.96 24.00
N ASP C 122 -32.19 -22.07 25.09
CA ASP C 122 -33.63 -22.07 24.94
C ASP C 122 -34.10 -20.77 24.29
N GLU C 123 -33.40 -19.64 24.56
CA GLU C 123 -33.73 -18.35 23.94
C GLU C 123 -33.56 -18.44 22.42
N GLN C 124 -32.48 -19.07 21.96
CA GLN C 124 -32.31 -19.20 20.50
C GLN C 124 -33.38 -20.09 19.89
N LEU C 125 -33.65 -21.23 20.57
CA LEU C 125 -34.64 -22.17 20.05
C LEU C 125 -36.02 -21.52 19.95
N LYS C 126 -36.37 -20.65 20.93
CA LYS C 126 -37.64 -19.90 20.90
C LYS C 126 -37.71 -18.99 19.68
N SER C 127 -36.53 -18.46 19.21
CA SER C 127 -36.45 -17.59 18.03
C SER C 127 -36.51 -18.35 16.66
N GLY C 128 -36.42 -19.69 16.69
CA GLY C 128 -36.52 -20.54 15.50
C GLY C 128 -35.25 -21.14 14.94
N THR C 129 -34.10 -20.85 15.55
CA THR C 129 -32.86 -21.40 15.01
C THR C 129 -32.11 -22.13 16.09
N ALA C 130 -31.08 -22.88 15.69
CA ALA C 130 -30.25 -23.65 16.60
C ALA C 130 -28.80 -23.62 16.12
N SER C 131 -27.90 -23.10 16.94
CA SER C 131 -26.48 -23.09 16.66
C SER C 131 -25.83 -23.87 17.74
N VAL C 132 -25.00 -24.84 17.35
CA VAL C 132 -24.24 -25.67 18.28
C VAL C 132 -22.80 -25.20 18.10
N VAL C 133 -22.19 -24.73 19.20
CA VAL C 133 -20.82 -24.20 19.09
C VAL C 133 -19.80 -25.12 19.72
N CYS C 134 -18.72 -25.42 18.97
CA CYS C 134 -17.62 -26.22 19.44
C CYS C 134 -16.40 -25.30 19.52
N LEU C 135 -15.83 -25.15 20.71
CA LEU C 135 -14.70 -24.22 20.95
C LEU C 135 -13.43 -25.00 21.17
N LEU C 136 -12.37 -24.64 20.42
CA LEU C 136 -11.02 -25.20 20.63
C LEU C 136 -10.22 -24.03 21.17
N ASN C 137 -9.79 -24.12 22.43
CA ASN C 137 -9.13 -22.99 23.04
C ASN C 137 -7.63 -23.13 23.29
N ASN C 138 -6.89 -22.06 22.95
CA ASN C 138 -5.47 -21.88 23.24
C ASN C 138 -4.56 -23.04 22.81
N PHE C 139 -4.55 -23.32 21.53
CA PHE C 139 -3.75 -24.43 20.99
C PHE C 139 -2.65 -23.97 20.02
N TYR C 140 -1.71 -24.85 19.76
CA TYR C 140 -0.63 -24.56 18.81
C TYR C 140 -0.14 -25.93 18.34
N PRO C 141 0.11 -26.17 17.05
CA PRO C 141 -0.01 -25.25 15.90
C PRO C 141 -1.44 -24.94 15.50
N ARG C 142 -1.61 -24.03 14.51
CA ARG C 142 -2.93 -23.63 14.02
CA ARG C 142 -2.91 -23.61 13.98
C ARG C 142 -3.70 -24.78 13.37
N GLU C 143 -3.00 -25.75 12.76
CA GLU C 143 -3.69 -26.86 12.10
C GLU C 143 -4.55 -27.69 13.04
N ALA C 144 -5.84 -27.81 12.75
CA ALA C 144 -6.78 -28.60 13.54
C ALA C 144 -7.92 -29.05 12.66
N LYS C 145 -8.47 -30.22 12.94
CA LYS C 145 -9.58 -30.81 12.20
C LYS C 145 -10.75 -30.93 13.19
N VAL C 146 -11.91 -30.41 12.81
CA VAL C 146 -13.12 -30.47 13.62
C VAL C 146 -14.19 -31.11 12.76
N GLN C 147 -14.73 -32.24 13.22
CA GLN C 147 -15.77 -32.97 12.52
C GLN C 147 -17.02 -33.03 13.38
N TRP C 148 -18.15 -32.71 12.79
CA TRP C 148 -19.44 -32.83 13.49
C TRP C 148 -20.09 -34.17 13.20
N LYS C 149 -20.69 -34.77 14.22
CA LYS C 149 -21.41 -36.02 14.07
C LYS C 149 -22.73 -35.86 14.78
N VAL C 150 -23.85 -36.21 14.10
CA VAL C 150 -25.20 -36.07 14.66
C VAL C 150 -25.88 -37.44 14.49
N ASP C 151 -26.37 -38.05 15.61
CA ASP C 151 -27.03 -39.38 15.56
CA ASP C 151 -27.04 -39.37 15.56
C ASP C 151 -26.25 -40.37 14.69
N ASN C 152 -24.93 -40.49 14.96
CA ASN C 152 -23.94 -41.33 14.29
C ASN C 152 -23.38 -40.72 12.98
N ALA C 153 -24.23 -40.03 12.19
CA ALA C 153 -23.93 -39.50 10.87
C ALA C 153 -22.98 -38.29 10.81
N LEU C 154 -21.89 -38.43 10.04
CA LEU C 154 -20.91 -37.36 9.81
C LEU C 154 -21.61 -36.25 9.01
N GLN C 155 -21.44 -34.98 9.44
CA GLN C 155 -22.05 -33.83 8.80
C GLN C 155 -21.10 -33.15 7.86
N SER C 156 -21.65 -32.50 6.82
CA SER C 156 -20.85 -31.72 5.88
C SER C 156 -21.70 -30.59 5.32
N GLY C 157 -21.09 -29.42 5.17
CA GLY C 157 -21.71 -28.25 4.58
C GLY C 157 -22.62 -27.40 5.43
N ASN C 158 -22.81 -27.76 6.72
CA ASN C 158 -23.69 -27.04 7.62
C ASN C 158 -22.92 -26.47 8.84
N SER C 159 -21.60 -26.35 8.70
CA SER C 159 -20.80 -25.75 9.77
C SER C 159 -19.82 -24.74 9.22
N GLN C 160 -19.39 -23.79 10.06
CA GLN C 160 -18.43 -22.79 9.63
C GLN C 160 -17.44 -22.59 10.76
N GLU C 161 -16.18 -22.37 10.41
CA GLU C 161 -15.11 -22.16 11.37
C GLU C 161 -14.67 -20.73 11.35
N SER C 162 -14.18 -20.28 12.51
CA SER C 162 -13.59 -18.96 12.63
C SER C 162 -12.41 -19.13 13.57
N VAL C 163 -11.27 -18.49 13.25
N VAL C 163 -11.31 -18.42 13.28
CA VAL C 163 -10.03 -18.63 14.02
CA VAL C 163 -10.07 -18.50 14.04
C VAL C 163 -9.48 -17.26 14.40
C VAL C 163 -9.57 -17.14 14.47
N THR C 164 -8.98 -17.08 15.66
CA THR C 164 -8.37 -15.84 16.14
C THR C 164 -6.99 -15.72 15.53
N GLU C 165 -6.44 -14.51 15.59
CA GLU C 165 -5.05 -14.28 15.20
C GLU C 165 -4.18 -14.87 16.28
N GLN C 166 -2.93 -15.22 15.96
CA GLN C 166 -2.04 -15.78 16.98
C GLN C 166 -1.90 -14.80 18.15
N ASP C 167 -2.08 -15.31 19.38
CA ASP C 167 -1.97 -14.46 20.58
C ASP C 167 -0.56 -13.90 20.73
N SER C 168 -0.42 -12.58 20.87
CA SER C 168 0.91 -11.96 20.96
C SER C 168 1.68 -12.37 22.22
N LYS C 169 0.96 -12.75 23.30
CA LYS C 169 1.53 -13.14 24.58
C LYS C 169 1.84 -14.62 24.72
N ASP C 170 0.91 -15.53 24.36
CA ASP C 170 1.20 -16.96 24.52
C ASP C 170 1.37 -17.71 23.19
N SER C 171 1.32 -17.01 22.01
CA SER C 171 1.53 -17.63 20.71
C SER C 171 0.53 -18.74 20.33
N THR C 172 -0.65 -18.75 20.98
CA THR C 172 -1.64 -19.79 20.65
C THR C 172 -2.75 -19.24 19.76
N TYR C 173 -3.61 -20.14 19.31
CA TYR C 173 -4.78 -19.82 18.50
C TYR C 173 -5.99 -20.36 19.23
N SER C 174 -7.15 -19.79 18.90
CA SER C 174 -8.41 -20.38 19.35
C SER C 174 -9.30 -20.48 18.12
N LEU C 175 -10.27 -21.43 18.14
CA LEU C 175 -11.11 -21.64 16.98
C LEU C 175 -12.51 -21.99 17.41
N SER C 176 -13.51 -21.52 16.67
CA SER C 176 -14.89 -21.95 16.89
C SER C 176 -15.37 -22.69 15.65
N SER C 177 -16.12 -23.77 15.85
CA SER C 177 -16.80 -24.43 14.73
C SER C 177 -18.27 -24.41 15.13
N THR C 178 -19.13 -23.83 14.28
CA THR C 178 -20.53 -23.67 14.61
C THR C 178 -21.38 -24.41 13.62
N LEU C 179 -22.19 -25.33 14.16
CA LEU C 179 -23.13 -26.12 13.38
C LEU C 179 -24.42 -25.34 13.40
N THR C 180 -24.88 -24.86 12.24
CA THR C 180 -26.07 -23.99 12.21
C THR C 180 -27.23 -24.70 11.56
N LEU C 181 -28.31 -24.82 12.33
CA LEU C 181 -29.52 -25.56 11.94
C LEU C 181 -30.78 -24.81 12.22
N SER C 182 -31.86 -25.19 11.50
CA SER C 182 -33.17 -24.63 11.83
C SER C 182 -33.56 -25.43 13.10
N LYS C 183 -34.48 -24.90 13.92
CA LYS C 183 -34.97 -25.58 15.11
C LYS C 183 -35.55 -26.96 14.66
N ALA C 184 -36.32 -27.02 13.54
CA ALA C 184 -36.87 -28.30 13.10
C ALA C 184 -35.80 -29.33 12.80
N ASP C 185 -34.72 -28.93 12.09
CA ASP C 185 -33.64 -29.89 11.79
C ASP C 185 -32.86 -30.28 13.06
N TYR C 186 -32.74 -29.36 14.01
CA TYR C 186 -32.06 -29.71 15.25
C TYR C 186 -32.85 -30.77 16.06
N GLU C 187 -34.19 -30.59 16.11
CA GLU C 187 -35.05 -31.40 16.97
C GLU C 187 -35.30 -32.80 16.41
N LYS C 188 -34.73 -33.13 15.22
CA LYS C 188 -34.96 -34.49 14.69
C LYS C 188 -33.83 -35.47 15.01
N HIS C 189 -32.90 -35.07 15.88
CA HIS C 189 -31.78 -35.89 16.30
C HIS C 189 -31.47 -35.66 17.76
N LYS C 190 -30.78 -36.60 18.39
CA LYS C 190 -30.47 -36.55 19.81
C LYS C 190 -29.02 -36.21 20.13
N VAL C 191 -28.08 -36.98 19.57
CA VAL C 191 -26.66 -36.90 19.90
C VAL C 191 -25.90 -35.92 19.01
N TYR C 192 -25.34 -34.88 19.64
CA TYR C 192 -24.57 -33.84 18.94
C TYR C 192 -23.16 -33.92 19.42
N ALA C 193 -22.23 -34.22 18.51
CA ALA C 193 -20.84 -34.38 18.88
C ALA C 193 -19.89 -33.63 17.99
N CYS C 194 -18.85 -33.12 18.58
CA CYS C 194 -17.79 -32.42 17.90
C CYS C 194 -16.52 -33.25 18.15
N GLU C 195 -15.87 -33.72 17.08
CA GLU C 195 -14.65 -34.54 17.20
C GLU C 195 -13.44 -33.71 16.74
N VAL C 196 -12.44 -33.55 17.62
CA VAL C 196 -11.28 -32.72 17.35
C VAL C 196 -9.99 -33.54 17.18
N THR C 197 -9.25 -33.27 16.09
CA THR C 197 -7.95 -33.89 15.80
C THR C 197 -6.95 -32.75 15.77
N HIS C 198 -5.79 -32.94 16.42
CA HIS C 198 -4.77 -31.92 16.55
C HIS C 198 -3.49 -32.62 16.97
N GLN C 199 -2.34 -32.04 16.60
CA GLN C 199 -1.03 -32.58 16.93
C GLN C 199 -0.83 -32.90 18.42
N GLY C 200 -1.36 -32.04 19.29
CA GLY C 200 -1.23 -32.19 20.74
C GLY C 200 -2.08 -33.26 21.37
N LEU C 201 -2.96 -33.91 20.58
CA LEU C 201 -3.86 -34.97 21.06
C LEU C 201 -3.42 -36.32 20.53
N SER C 202 -3.25 -37.32 21.43
CA SER C 202 -2.82 -38.67 21.05
C SER C 202 -3.84 -39.39 20.19
N SER C 203 -5.12 -39.04 20.40
CA SER C 203 -6.26 -39.55 19.65
C SER C 203 -7.34 -38.48 19.68
N PRO C 204 -8.30 -38.48 18.73
CA PRO C 204 -9.30 -37.40 18.72
C PRO C 204 -10.10 -37.27 20.00
N VAL C 205 -10.47 -36.04 20.33
CA VAL C 205 -11.26 -35.75 21.52
C VAL C 205 -12.68 -35.45 21.05
N THR C 206 -13.67 -36.13 21.66
CA THR C 206 -15.08 -35.91 21.31
C THR C 206 -15.76 -35.32 22.51
N LYS C 207 -16.49 -34.23 22.26
CA LYS C 207 -17.31 -33.55 23.24
C LYS C 207 -18.72 -33.66 22.67
N SER C 208 -19.64 -34.19 23.47
CA SER C 208 -20.99 -34.43 22.99
C SER C 208 -22.04 -34.17 24.05
N PHE C 209 -23.28 -34.05 23.59
CA PHE C 209 -24.40 -33.91 24.52
C PHE C 209 -25.61 -34.49 23.86
N ASN C 210 -26.62 -34.76 24.69
CA ASN C 210 -27.89 -35.25 24.20
C ASN C 210 -28.85 -34.10 24.27
N ARG C 211 -29.49 -33.77 23.13
CA ARG C 211 -30.44 -32.68 23.04
C ARG C 211 -31.48 -32.74 24.15
N GLY C 212 -31.66 -31.61 24.83
CA GLY C 212 -32.68 -31.50 25.87
C GLY C 212 -32.27 -31.88 27.28
N GLU C 213 -31.03 -32.37 27.48
CA GLU C 213 -30.55 -32.70 28.81
C GLU C 213 -29.25 -31.97 29.16
#